data_3T7D
#
_entry.id   3T7D
#
_cell.length_a   79.661
_cell.length_b   45.820
_cell.length_c   115.030
_cell.angle_alpha   90.00
_cell.angle_beta   107.36
_cell.angle_gamma   90.00
#
_symmetry.space_group_name_H-M   'P 1 21 1'
#
loop_
_entity.id
_entity.type
_entity.pdbx_description
1 polymer 'Putative glycosyltransferase'
2 branched alpha-D-glucopyranose-(1-1)-alpha-D-glucopyranose
3 non-polymer 'MAGNESIUM ION'
4 non-polymer IMIDAZOLE
5 water water
#
_entity_poly.entity_id   1
_entity_poly.type   'polypeptide(L)'
_entity_poly.pdbx_seq_one_letter_code
;FTGSEIFLASKRAAITYDTDPATGEPRAWLAPGGTGNVVAEQAGVLNISWIASADSEDDRRASALNPDGVT(MSE)ELHS
GREILVRLIRHDPAVFRNVQNF(MSE)TANL(MSE)WAANNYGWDRWTQPSFGSDAREGWADFGRFTRDFADAILKSSAQ
SADPVYLVHDYQLVGVPALLREQRPDAPILLFVHIPWPSADYWRILPKEIRTGILHG(MSE)LPATTIGFFADRWCRNFL
ESVADLLPDARIDREA(MSE)TVEWRGHRTRLRT(MSE)PLGYSPLTLDGRNPQLPEGIEEWADGHRLVVHSGRTDPIKN
AERAVRAFVLAARGGGLEKTR(MSE)LVR(MSE)NPNRLYVPANADYVHRVETAVAEANAELGSDTVRIDNDNDVNHTIA
CFRRADLLIFNSTVDGQNLSTFEAPLVNERDADVILSETCGAAEVLGEYCRSVNPFDLVEQAEAISAALAAGPRQRAEAA
ARRRDAARPWTLEAWVQAQLDGLAADHAARTATAERFDTAPAVSTRADL
;
_entity_poly.pdbx_strand_id   A,B
#
loop_
_chem_comp.id
_chem_comp.type
_chem_comp.name
_chem_comp.formula
GLC D-saccharide, alpha linking alpha-D-glucopyranose 'C6 H12 O6'
IMD non-polymer IMIDAZOLE 'C3 H5 N2 1'
MG non-polymer 'MAGNESIUM ION' 'Mg 2'
#
# COMPACT_ATOMS: atom_id res chain seq x y z
N PHE A 1 -33.52 15.21 16.48
CA PHE A 1 -34.25 14.14 15.72
C PHE A 1 -35.67 13.94 16.23
N THR A 2 -36.24 14.97 16.87
CA THR A 2 -37.59 14.83 17.36
C THR A 2 -38.55 14.66 16.17
N GLY A 3 -39.42 13.65 16.25
CA GLY A 3 -40.38 13.41 15.17
C GLY A 3 -39.83 12.51 14.08
N SER A 4 -38.56 12.12 14.23
CA SER A 4 -37.91 11.28 13.23
C SER A 4 -37.99 9.81 13.53
N GLU A 5 -38.14 9.01 12.49
CA GLU A 5 -38.00 7.59 12.62
C GLU A 5 -36.61 7.27 12.11
N ILE A 6 -35.85 6.56 12.92
CA ILE A 6 -34.49 6.15 12.52
C ILE A 6 -34.47 4.73 11.98
N PHE A 7 -33.83 4.56 10.82
CA PHE A 7 -33.65 3.25 10.18
C PHE A 7 -32.17 2.84 10.17
N LEU A 8 -31.91 1.59 10.51
CA LEU A 8 -30.56 1.07 10.62
C LEU A 8 -30.39 -0.09 9.65
N ALA A 9 -29.33 -0.08 8.85
CA ALA A 9 -29.09 -1.15 7.91
C ALA A 9 -27.65 -1.58 7.93
N SER A 10 -27.44 -2.89 7.77
CA SER A 10 -26.10 -3.44 7.54
C SER A 10 -26.26 -4.81 6.90
N LYS A 11 -25.21 -5.30 6.20
CA LYS A 11 -25.34 -6.62 5.51
C LYS A 11 -25.43 -7.84 6.43
N ARG A 12 -24.44 -7.95 7.30
CA ARG A 12 -24.16 -9.14 8.08
C ARG A 12 -25.05 -9.24 9.29
N ALA A 13 -25.98 -10.19 9.23
CA ALA A 13 -26.70 -10.67 10.38
C ALA A 13 -26.50 -12.19 10.36
N ALA A 14 -25.49 -12.65 11.09
CA ALA A 14 -25.22 -14.08 11.23
C ALA A 14 -26.19 -14.68 12.25
N ILE A 15 -27.40 -14.98 11.77
CA ILE A 15 -28.48 -15.51 12.58
C ILE A 15 -28.58 -16.98 12.21
N THR A 16 -28.80 -17.83 13.21
CA THR A 16 -28.73 -19.27 12.98
C THR A 16 -30.04 -20.06 13.12
N TYR A 17 -31.01 -19.53 13.86
CA TYR A 17 -32.22 -20.30 14.22
C TYR A 17 -31.82 -21.68 14.76
N ASN A 37 -22.42 -8.94 17.67
CA ASN A 37 -22.58 -8.03 16.53
C ASN A 37 -22.87 -6.62 17.05
N VAL A 38 -22.07 -5.70 16.55
CA VAL A 38 -22.09 -4.31 17.00
C VAL A 38 -23.32 -3.56 16.50
N VAL A 39 -23.70 -3.84 15.25
CA VAL A 39 -24.88 -3.22 14.66
C VAL A 39 -26.14 -3.70 15.36
N ALA A 40 -26.23 -5.00 15.62
CA ALA A 40 -27.36 -5.56 16.40
C ALA A 40 -27.50 -4.86 17.76
N GLU A 41 -26.40 -4.69 18.48
CA GLU A 41 -26.45 -3.98 19.78
C GLU A 41 -26.93 -2.53 19.65
N GLN A 42 -26.50 -1.85 18.60
CA GLN A 42 -26.99 -0.52 18.31
C GLN A 42 -28.49 -0.51 18.05
N ALA A 43 -29.02 -1.49 17.29
CA ALA A 43 -30.50 -1.56 17.11
C ALA A 43 -31.18 -1.63 18.48
N GLY A 44 -30.55 -2.40 19.37
CA GLY A 44 -31.07 -2.63 20.72
C GLY A 44 -31.03 -1.38 21.54
N VAL A 45 -29.97 -0.60 21.37
CA VAL A 45 -29.78 0.64 22.12
C VAL A 45 -30.83 1.63 21.70
N LEU A 46 -31.06 1.74 20.38
CA LEU A 46 -31.95 2.76 19.84
C LEU A 46 -33.42 2.33 19.79
N ASN A 47 -33.69 1.04 20.06
CA ASN A 47 -35.02 0.45 19.86
C ASN A 47 -35.57 0.73 18.48
N ILE A 48 -34.83 0.33 17.45
CA ILE A 48 -35.25 0.49 16.07
C ILE A 48 -35.04 -0.81 15.35
N SER A 49 -35.68 -0.96 14.20
CA SER A 49 -35.54 -2.20 13.48
C SER A 49 -34.19 -2.20 12.79
N TRP A 50 -33.67 -3.39 12.57
CA TRP A 50 -32.43 -3.58 11.84
C TRP A 50 -32.73 -4.26 10.53
N ILE A 51 -32.42 -3.62 9.41
CA ILE A 51 -32.56 -4.18 8.07
C ILE A 51 -31.21 -4.83 7.70
N ALA A 52 -31.24 -6.11 7.39
CA ALA A 52 -30.01 -6.84 7.05
C ALA A 52 -30.30 -7.87 5.97
N SER A 53 -29.25 -8.54 5.48
CA SER A 53 -29.39 -9.54 4.39
C SER A 53 -29.81 -10.96 4.83
N ALA A 54 -30.83 -11.49 4.16
CA ALA A 54 -31.07 -12.93 4.19
C ALA A 54 -29.88 -13.62 3.51
N ASP A 55 -29.10 -14.39 4.26
CA ASP A 55 -27.98 -15.13 3.68
C ASP A 55 -28.45 -16.43 3.01
N SER A 56 -29.52 -17.02 3.54
CA SER A 56 -29.93 -18.38 3.18
C SER A 56 -31.39 -18.54 2.75
N GLU A 57 -31.78 -19.80 2.58
CA GLU A 57 -33.17 -20.17 2.34
C GLU A 57 -33.99 -20.00 3.62
N ASP A 58 -33.43 -20.41 4.77
CA ASP A 58 -34.03 -20.23 6.09
C ASP A 58 -34.36 -18.75 6.37
N ASP A 59 -33.41 -17.89 6.03
CA ASP A 59 -33.58 -16.45 6.24
C ASP A 59 -34.76 -15.92 5.47
N ARG A 60 -34.89 -16.34 4.22
CA ARG A 60 -36.00 -15.92 3.36
C ARG A 60 -37.34 -16.40 3.93
N ARG A 61 -37.38 -17.67 4.35
CA ARG A 61 -38.59 -18.23 4.94
C ARG A 61 -39.00 -17.46 6.19
N ALA A 62 -38.05 -17.25 7.12
CA ALA A 62 -38.30 -16.50 8.34
C ALA A 62 -38.82 -15.08 8.02
N SER A 63 -38.20 -14.43 7.03
CA SER A 63 -38.62 -13.08 6.65
C SER A 63 -40.03 -13.03 6.03
N ALA A 64 -40.34 -14.01 5.19
CA ALA A 64 -41.70 -14.15 4.64
C ALA A 64 -42.74 -14.37 5.73
N LEU A 65 -42.45 -15.30 6.64
CA LEU A 65 -43.32 -15.61 7.78
C LEU A 65 -43.53 -14.37 8.68
N ASN A 66 -42.48 -13.57 8.84
CA ASN A 66 -42.52 -12.38 9.71
C ASN A 66 -42.20 -11.07 8.99
N PRO A 67 -43.14 -10.59 8.16
CA PRO A 67 -42.97 -9.45 7.26
C PRO A 67 -42.33 -8.27 7.97
N ASP A 68 -42.92 -7.86 9.10
CA ASP A 68 -42.42 -6.72 9.84
C ASP A 68 -41.02 -6.99 10.39
N GLY A 69 -40.80 -8.20 10.95
CA GLY A 69 -39.51 -8.53 11.51
C GLY A 69 -39.50 -9.70 12.49
N VAL A 70 -38.30 -10.24 12.72
CA VAL A 70 -38.12 -11.34 13.66
C VAL A 70 -37.61 -10.71 14.95
N THR A 71 -38.19 -11.09 16.07
CA THR A 71 -37.65 -10.69 17.37
C THR A 71 -36.44 -11.53 17.75
N MSE A 72 -35.44 -10.89 18.35
CA MSE A 72 -34.21 -11.58 18.69
C MSE A 72 -33.64 -11.01 19.96
O MSE A 72 -33.47 -9.79 20.09
CB MSE A 72 -33.27 -11.44 17.49
CG MSE A 72 -31.94 -12.17 17.74
SE MSE A 72 -30.75 -11.91 16.19
CE MSE A 72 -30.34 -9.98 16.42
N GLU A 73 -33.38 -11.89 20.92
CA GLU A 73 -32.70 -11.53 22.17
C GLU A 73 -31.21 -11.59 21.88
N LEU A 74 -30.49 -10.55 22.28
CA LEU A 74 -29.04 -10.61 22.24
C LEU A 74 -28.58 -11.15 23.59
N HIS A 75 -27.37 -11.71 23.63
CA HIS A 75 -26.81 -12.20 24.89
C HIS A 75 -26.63 -11.08 25.87
N SER A 76 -26.28 -9.89 25.36
CA SER A 76 -26.26 -8.65 26.16
C SER A 76 -27.56 -8.42 26.91
N GLY A 77 -28.62 -9.12 26.50
CA GLY A 77 -29.91 -8.97 27.13
C GLY A 77 -30.90 -8.12 26.34
N ARG A 78 -30.42 -7.28 25.43
CA ARG A 78 -31.33 -6.44 24.63
C ARG A 78 -32.13 -7.27 23.63
N GLU A 79 -33.31 -6.76 23.25
CA GLU A 79 -34.20 -7.46 22.34
C GLU A 79 -34.41 -6.58 21.14
N ILE A 80 -34.24 -7.14 19.94
CA ILE A 80 -34.34 -6.31 18.74
C ILE A 80 -35.27 -6.95 17.72
N LEU A 81 -35.69 -6.13 16.76
CA LEU A 81 -36.46 -6.59 15.61
C LEU A 81 -35.56 -6.55 14.38
N VAL A 82 -35.40 -7.69 13.70
CA VAL A 82 -34.54 -7.75 12.52
C VAL A 82 -35.37 -8.09 11.28
N ARG A 83 -35.22 -7.27 10.25
CA ARG A 83 -35.94 -7.44 9.01
C ARG A 83 -34.95 -7.87 7.93
N LEU A 84 -35.06 -9.11 7.44
CA LEU A 84 -34.08 -9.65 6.51
C LEU A 84 -34.56 -9.51 5.07
N ILE A 85 -33.68 -8.97 4.23
CA ILE A 85 -33.99 -8.79 2.80
C ILE A 85 -33.64 -10.05 2.00
N ARG A 86 -34.59 -10.54 1.21
CA ARG A 86 -34.32 -11.66 0.33
C ARG A 86 -33.55 -11.13 -0.88
N HIS A 87 -32.29 -11.54 -1.09
CA HIS A 87 -31.59 -11.25 -2.37
C HIS A 87 -31.75 -12.41 -3.34
N ASP A 88 -31.51 -12.17 -4.64
CA ASP A 88 -31.36 -13.28 -5.58
C ASP A 88 -30.21 -14.15 -5.07
N PRO A 89 -30.45 -15.47 -4.90
CA PRO A 89 -29.45 -16.39 -4.33
C PRO A 89 -28.06 -16.36 -4.97
N ALA A 90 -27.99 -16.29 -6.31
CA ALA A 90 -26.71 -16.24 -7.04
C ALA A 90 -25.99 -14.89 -6.86
N VAL A 91 -26.75 -13.80 -7.04
CA VAL A 91 -26.25 -12.44 -6.78
C VAL A 91 -25.56 -12.41 -5.41
N PHE A 92 -26.25 -12.89 -4.37
CA PHE A 92 -25.73 -12.81 -3.01
C PHE A 92 -24.45 -13.64 -2.81
N ARG A 93 -24.49 -14.92 -3.19
CA ARG A 93 -23.32 -15.80 -3.06
C ARG A 93 -22.10 -15.18 -3.73
N ASN A 94 -22.31 -14.54 -4.88
CA ASN A 94 -21.17 -13.89 -5.54
C ASN A 94 -20.69 -12.63 -4.81
N VAL A 95 -21.62 -11.76 -4.42
CA VAL A 95 -21.32 -10.51 -3.69
C VAL A 95 -20.58 -10.88 -2.38
N GLN A 96 -21.05 -11.94 -1.71
CA GLN A 96 -20.45 -12.36 -0.45
C GLN A 96 -19.10 -13.04 -0.63
N ASN A 97 -19.08 -14.12 -1.40
CA ASN A 97 -17.89 -14.98 -1.47
C ASN A 97 -16.71 -14.33 -2.19
N PHE A 98 -17.01 -13.59 -3.26
CA PHE A 98 -16.00 -13.00 -4.11
C PHE A 98 -15.79 -11.50 -3.81
N MSE A 99 -16.86 -10.71 -3.81
CA MSE A 99 -16.71 -9.25 -3.63
C MSE A 99 -16.38 -8.85 -2.22
O MSE A 99 -15.35 -8.27 -1.96
CB MSE A 99 -17.95 -8.46 -4.05
CG MSE A 99 -18.11 -8.44 -5.57
SE MSE A 99 -16.64 -7.54 -6.49
CE MSE A 99 -17.18 -5.72 -5.96
N THR A 100 -17.26 -9.13 -1.27
CA THR A 100 -17.08 -8.52 0.03
C THR A 100 -16.18 -9.30 0.98
N ALA A 101 -16.19 -10.63 0.89
CA ALA A 101 -15.36 -11.44 1.81
C ALA A 101 -13.92 -11.49 1.36
N ASN A 102 -13.71 -11.18 0.07
CA ASN A 102 -12.44 -11.46 -0.62
C ASN A 102 -11.79 -10.25 -1.34
N LEU A 103 -12.34 -9.84 -2.48
CA LEU A 103 -11.80 -8.68 -3.24
C LEU A 103 -11.81 -7.37 -2.41
N MSE A 104 -12.97 -7.00 -1.89
CA MSE A 104 -13.13 -5.69 -1.23
C MSE A 104 -12.39 -5.63 0.08
O MSE A 104 -11.87 -4.58 0.50
CB MSE A 104 -14.60 -5.40 -0.96
CG MSE A 104 -15.24 -4.94 -2.27
SE MSE A 104 -17.16 -4.73 -1.86
CE MSE A 104 -17.05 -2.88 -1.21
N TRP A 105 -12.31 -6.81 0.73
CA TRP A 105 -11.59 -6.98 1.96
C TRP A 105 -10.14 -6.72 1.71
N ALA A 106 -9.59 -7.23 0.59
CA ALA A 106 -8.17 -7.07 0.33
C ALA A 106 -7.84 -5.64 -0.01
N ALA A 107 -8.77 -4.99 -0.69
CA ALA A 107 -8.58 -3.60 -1.06
C ALA A 107 -8.47 -2.69 0.15
N ASN A 108 -9.33 -2.86 1.13
CA ASN A 108 -9.30 -1.92 2.25
C ASN A 108 -8.43 -2.37 3.41
N ASN A 109 -8.01 -3.63 3.40
CA ASN A 109 -7.22 -4.16 4.52
C ASN A 109 -5.83 -4.52 4.04
N TYR A 110 -5.43 -3.92 2.90
CA TYR A 110 -4.06 -3.96 2.46
C TYR A 110 -3.49 -5.38 2.29
N GLY A 111 -4.13 -6.22 1.47
CA GLY A 111 -3.61 -7.57 1.27
C GLY A 111 -2.95 -7.89 -0.06
N TRP A 112 -2.75 -6.86 -0.86
CA TRP A 112 -2.13 -7.03 -2.22
C TRP A 112 -0.71 -6.54 -2.29
N ASP A 113 0.16 -7.32 -2.97
CA ASP A 113 1.56 -6.93 -3.16
C ASP A 113 1.82 -6.05 -4.37
N ARG A 114 0.81 -5.91 -5.23
CA ARG A 114 0.88 -5.16 -6.48
C ARG A 114 1.78 -5.89 -7.46
N TRP A 115 3.02 -6.28 -7.10
CA TRP A 115 3.85 -6.93 -8.14
C TRP A 115 3.20 -8.16 -8.76
N THR A 116 2.52 -8.95 -7.94
CA THR A 116 1.91 -10.20 -8.45
C THR A 116 0.40 -10.27 -8.40
N GLN A 117 -0.20 -9.60 -7.41
CA GLN A 117 -1.66 -9.55 -7.22
CA GLN A 117 -1.67 -9.56 -7.24
C GLN A 117 -2.06 -8.12 -6.98
N PRO A 118 -3.28 -7.71 -7.41
CA PRO A 118 -4.33 -8.49 -8.07
C PRO A 118 -4.18 -8.36 -9.55
N SER A 119 -4.94 -9.16 -10.29
CA SER A 119 -5.04 -8.95 -11.73
C SER A 119 -6.50 -9.09 -12.06
N PHE A 120 -7.13 -7.99 -12.39
CA PHE A 120 -8.59 -8.04 -12.46
C PHE A 120 -8.97 -8.47 -13.83
N GLY A 121 -9.89 -9.43 -13.88
CA GLY A 121 -10.44 -9.88 -15.14
C GLY A 121 -11.90 -9.54 -15.34
N SER A 122 -12.56 -10.30 -16.23
CA SER A 122 -13.99 -10.08 -16.44
C SER A 122 -14.82 -10.36 -15.16
N ASP A 123 -14.33 -11.25 -14.29
CA ASP A 123 -15.06 -11.57 -13.05
C ASP A 123 -15.28 -10.28 -12.22
N ALA A 124 -14.26 -9.41 -12.16
CA ALA A 124 -14.43 -8.14 -11.44
C ALA A 124 -15.56 -7.25 -11.99
N ARG A 125 -15.74 -7.21 -13.31
CA ARG A 125 -16.80 -6.38 -13.91
C ARG A 125 -18.18 -6.96 -13.66
N GLU A 126 -18.32 -8.28 -13.80
CA GLU A 126 -19.55 -8.98 -13.39
C GLU A 126 -19.84 -8.79 -11.90
N GLY A 127 -18.79 -8.83 -11.09
CA GLY A 127 -18.93 -8.65 -9.65
C GLY A 127 -19.46 -7.27 -9.30
N TRP A 128 -18.94 -6.25 -9.98
CA TRP A 128 -19.43 -4.87 -9.87
C TRP A 128 -20.91 -4.81 -10.22
N ALA A 129 -21.30 -5.47 -11.30
CA ALA A 129 -22.72 -5.47 -11.70
C ALA A 129 -23.64 -6.10 -10.65
N ASP A 130 -23.27 -7.28 -10.16
CA ASP A 130 -23.92 -7.94 -9.02
C ASP A 130 -23.95 -7.04 -7.78
N PHE A 131 -22.84 -6.36 -7.51
CA PHE A 131 -22.81 -5.42 -6.39
C PHE A 131 -23.84 -4.28 -6.55
N GLY A 132 -23.99 -3.74 -7.76
CA GLY A 132 -25.01 -2.74 -8.04
C GLY A 132 -26.42 -3.26 -7.72
N ARG A 133 -26.65 -4.54 -7.98
CA ARG A 133 -27.93 -5.18 -7.63
C ARG A 133 -28.16 -5.28 -6.13
N PHE A 134 -27.20 -5.85 -5.41
CA PHE A 134 -27.25 -6.00 -3.98
C PHE A 134 -27.50 -4.64 -3.34
N THR A 135 -26.90 -3.59 -3.95
CA THR A 135 -27.02 -2.20 -3.46
C THR A 135 -28.46 -1.67 -3.67
N ARG A 136 -28.99 -1.83 -4.87
CA ARG A 136 -30.40 -1.44 -5.13
C ARG A 136 -31.38 -2.20 -4.24
N ASP A 137 -31.10 -3.49 -3.98
CA ASP A 137 -31.85 -4.32 -3.02
C ASP A 137 -31.98 -3.69 -1.62
N PHE A 138 -30.84 -3.28 -1.09
CA PHE A 138 -30.84 -2.66 0.20
C PHE A 138 -31.53 -1.30 0.08
N ALA A 139 -31.18 -0.47 -0.90
CA ALA A 139 -31.76 0.89 -0.90
C ALA A 139 -33.29 0.81 -1.06
N ASP A 140 -33.75 -0.05 -1.96
CA ASP A 140 -35.21 -0.30 -2.13
C ASP A 140 -35.92 -0.68 -0.86
N ALA A 141 -35.35 -1.64 -0.14
CA ALA A 141 -35.91 -2.12 1.12
C ALA A 141 -35.95 -1.01 2.15
N ILE A 142 -34.85 -0.27 2.27
CA ILE A 142 -34.81 0.85 3.19
C ILE A 142 -35.86 1.90 2.87
N LEU A 143 -35.95 2.28 1.61
CA LEU A 143 -36.91 3.28 1.17
C LEU A 143 -38.37 2.81 1.27
N LYS A 144 -38.63 1.54 0.97
CA LYS A 144 -39.97 0.95 1.21
C LYS A 144 -40.32 1.01 2.70
N SER A 145 -39.39 0.57 3.53
CA SER A 145 -39.59 0.57 4.97
C SER A 145 -39.87 1.98 5.55
N SER A 146 -39.25 2.99 4.97
CA SER A 146 -39.39 4.36 5.44
C SER A 146 -40.42 5.15 4.64
N ALA A 147 -41.19 4.48 3.78
CA ALA A 147 -42.07 5.21 2.85
C ALA A 147 -43.22 5.90 3.58
N GLN A 148 -43.64 5.33 4.70
CA GLN A 148 -44.75 5.92 5.46
C GLN A 148 -44.20 6.74 6.63
N SER A 149 -42.96 7.20 6.49
CA SER A 149 -42.30 8.08 7.48
C SER A 149 -42.10 9.48 6.95
N ALA A 150 -42.46 10.48 7.75
CA ALA A 150 -42.33 11.86 7.31
C ALA A 150 -40.89 12.39 7.33
N ASP A 151 -40.10 11.96 8.33
CA ASP A 151 -38.77 12.53 8.50
C ASP A 151 -37.75 11.44 8.87
N PRO A 152 -37.49 10.51 7.92
CA PRO A 152 -36.62 9.39 8.18
C PRO A 152 -35.18 9.82 8.34
N VAL A 153 -34.47 9.06 9.12
CA VAL A 153 -33.06 9.24 9.36
C VAL A 153 -32.43 7.86 9.05
N TYR A 154 -31.40 7.85 8.21
CA TYR A 154 -30.77 6.59 7.77
C TYR A 154 -29.38 6.38 8.32
N LEU A 155 -29.20 5.28 9.06
CA LEU A 155 -27.87 4.91 9.56
C LEU A 155 -27.44 3.66 8.81
N VAL A 156 -26.47 3.84 7.92
CA VAL A 156 -26.08 2.80 7.00
C VAL A 156 -24.70 2.33 7.43
N HIS A 157 -24.60 1.08 7.84
CA HIS A 157 -23.36 0.55 8.41
C HIS A 157 -22.61 -0.45 7.59
N ASP A 158 -21.34 -0.13 7.40
CA ASP A 158 -20.23 -0.98 6.94
C ASP A 158 -20.10 -1.11 5.46
N TYR A 159 -18.94 -1.58 5.03
CA TYR A 159 -18.42 -1.32 3.71
C TYR A 159 -19.23 -2.00 2.61
N GLN A 160 -19.99 -3.05 2.92
CA GLN A 160 -20.80 -3.66 1.88
C GLN A 160 -21.92 -2.73 1.38
N LEU A 161 -22.30 -1.72 2.18
CA LEU A 161 -23.34 -0.79 1.81
C LEU A 161 -22.84 0.55 1.30
N VAL A 162 -21.61 0.59 0.80
CA VAL A 162 -21.02 1.87 0.36
C VAL A 162 -21.81 2.52 -0.78
N GLY A 163 -22.55 1.69 -1.52
CA GLY A 163 -23.28 2.24 -2.69
C GLY A 163 -24.63 2.86 -2.31
N VAL A 164 -25.07 2.60 -1.08
CA VAL A 164 -26.46 2.88 -0.68
C VAL A 164 -26.74 4.39 -0.54
N PRO A 165 -25.81 5.18 0.05
CA PRO A 165 -26.17 6.59 0.25
C PRO A 165 -26.61 7.34 -1.01
N ALA A 166 -25.98 7.11 -2.16
CA ALA A 166 -26.37 7.85 -3.35
C ALA A 166 -27.82 7.55 -3.72
N LEU A 167 -28.22 6.30 -3.54
CA LEU A 167 -29.58 5.89 -3.94
C LEU A 167 -30.61 6.44 -2.98
N LEU A 168 -30.29 6.48 -1.70
CA LEU A 168 -31.21 7.09 -0.71
C LEU A 168 -31.37 8.57 -0.95
N ARG A 169 -30.24 9.27 -1.18
CA ARG A 169 -30.23 10.70 -1.42
C ARG A 169 -31.07 11.05 -2.64
N GLU A 170 -31.03 10.17 -3.65
CA GLU A 170 -31.72 10.42 -4.91
C GLU A 170 -33.22 10.49 -4.66
N GLN A 171 -33.68 9.65 -3.74
CA GLN A 171 -35.11 9.49 -3.51
C GLN A 171 -35.60 10.21 -2.25
N ARG A 172 -34.67 10.52 -1.36
CA ARG A 172 -34.94 11.29 -0.13
C ARG A 172 -33.95 12.43 0.03
N PRO A 173 -34.09 13.48 -0.81
CA PRO A 173 -33.03 14.50 -0.86
C PRO A 173 -32.67 15.16 0.47
N ASP A 174 -33.63 15.26 1.39
CA ASP A 174 -33.42 15.99 2.64
C ASP A 174 -33.28 15.10 3.86
N ALA A 175 -33.07 13.80 3.66
CA ALA A 175 -32.93 12.90 4.80
C ALA A 175 -31.49 12.92 5.30
N PRO A 176 -31.31 12.95 6.63
CA PRO A 176 -29.98 12.71 7.18
C PRO A 176 -29.51 11.28 6.85
N ILE A 177 -28.32 11.17 6.32
CA ILE A 177 -27.78 9.86 6.00
C ILE A 177 -26.38 9.77 6.59
N LEU A 178 -26.20 8.80 7.47
CA LEU A 178 -24.84 8.49 7.96
C LEU A 178 -24.40 7.22 7.27
N LEU A 179 -23.18 7.20 6.74
CA LEU A 179 -22.53 5.95 6.37
C LEU A 179 -21.35 5.73 7.30
N PHE A 180 -21.35 4.62 8.05
CA PHE A 180 -20.29 4.33 8.96
C PHE A 180 -19.51 3.07 8.55
N VAL A 181 -18.24 3.25 8.20
CA VAL A 181 -17.43 2.16 7.68
C VAL A 181 -16.59 1.59 8.81
N HIS A 182 -16.69 0.26 9.04
CA HIS A 182 -16.05 -0.38 10.19
C HIS A 182 -14.64 -0.83 9.92
N ILE A 183 -14.20 -0.71 8.67
CA ILE A 183 -12.90 -1.24 8.27
C ILE A 183 -11.99 -0.05 7.93
N PRO A 184 -10.71 -0.28 7.66
CA PRO A 184 -9.85 0.85 7.24
C PRO A 184 -10.27 1.48 5.89
N TRP A 185 -9.73 2.66 5.63
CA TRP A 185 -9.73 3.18 4.28
C TRP A 185 -8.29 3.26 3.88
N PRO A 186 -7.94 2.72 2.71
CA PRO A 186 -6.52 2.70 2.34
C PRO A 186 -6.02 4.00 1.71
N SER A 187 -4.70 4.16 1.69
CA SER A 187 -4.05 5.26 0.96
C SER A 187 -4.54 5.38 -0.47
N ALA A 188 -4.58 6.63 -0.97
CA ALA A 188 -5.00 6.85 -2.35
C ALA A 188 -4.35 5.94 -3.40
N ASP A 189 -3.03 5.75 -3.34
CA ASP A 189 -2.33 4.91 -4.32
C ASP A 189 -2.86 3.49 -4.30
N TYR A 190 -3.22 3.04 -3.11
CA TYR A 190 -3.65 1.68 -2.91
C TYR A 190 -5.12 1.56 -3.35
N TRP A 191 -5.94 2.52 -2.98
CA TRP A 191 -7.34 2.52 -3.40
C TRP A 191 -7.42 2.44 -4.92
N ARG A 192 -6.50 3.15 -5.56
CA ARG A 192 -6.38 3.22 -7.04
C ARG A 192 -6.07 1.90 -7.69
N ILE A 193 -5.69 0.89 -6.92
CA ILE A 193 -5.49 -0.44 -7.51
C ILE A 193 -6.76 -0.94 -8.21
N LEU A 194 -7.90 -0.61 -7.61
CA LEU A 194 -9.21 -1.09 -8.14
C LEU A 194 -9.50 -0.65 -9.54
N PRO A 195 -10.27 -1.49 -10.29
CA PRO A 195 -10.69 -1.08 -11.65
C PRO A 195 -11.36 0.30 -11.65
N LYS A 196 -11.17 1.08 -12.72
CA LYS A 196 -11.67 2.46 -12.76
C LYS A 196 -13.15 2.58 -12.38
N GLU A 197 -13.98 1.70 -12.94
CA GLU A 197 -15.44 1.77 -12.68
C GLU A 197 -15.76 1.60 -11.20
N ILE A 198 -14.98 0.74 -10.54
CA ILE A 198 -15.19 0.42 -9.12
C ILE A 198 -14.63 1.50 -8.19
N ARG A 199 -13.39 1.91 -8.43
CA ARG A 199 -12.72 2.90 -7.55
C ARG A 199 -13.42 4.26 -7.52
N THR A 200 -13.98 4.67 -8.67
CA THR A 200 -14.79 5.88 -8.81
C THR A 200 -16.23 5.63 -8.37
N GLY A 201 -16.79 4.52 -8.86
CA GLY A 201 -18.19 4.11 -8.56
C GLY A 201 -18.54 4.08 -7.09
N ILE A 202 -17.62 3.56 -6.29
CA ILE A 202 -17.79 3.46 -4.84
C ILE A 202 -17.75 4.82 -4.20
N LEU A 203 -16.81 5.66 -4.62
CA LEU A 203 -16.80 7.06 -4.13
C LEU A 203 -18.10 7.81 -4.47
N HIS A 204 -18.60 7.63 -5.68
CA HIS A 204 -19.85 8.24 -6.07
C HIS A 204 -21.00 7.81 -5.22
N GLY A 205 -20.95 6.56 -4.79
CA GLY A 205 -21.97 5.94 -3.94
C GLY A 205 -22.01 6.50 -2.53
N MSE A 206 -20.82 6.83 -1.99
CA MSE A 206 -20.65 7.20 -0.57
C MSE A 206 -20.87 8.68 -0.37
O MSE A 206 -21.52 9.10 0.60
CB MSE A 206 -19.22 6.86 -0.06
CG MSE A 206 -18.96 5.35 -0.06
SE MSE A 206 -17.05 4.98 0.12
CE MSE A 206 -16.95 5.51 2.01
N LEU A 207 -20.34 9.50 -1.27
CA LEU A 207 -20.28 10.96 -0.98
C LEU A 207 -21.64 11.68 -0.76
N PRO A 208 -22.73 11.16 -1.34
CA PRO A 208 -24.03 11.79 -1.05
C PRO A 208 -24.50 11.67 0.41
N ALA A 209 -23.80 10.89 1.23
CA ALA A 209 -24.13 10.77 2.65
C ALA A 209 -23.94 12.17 3.33
N THR A 210 -24.75 12.47 4.33
CA THR A 210 -24.54 13.69 5.10
C THR A 210 -23.18 13.59 5.81
N THR A 211 -22.93 12.42 6.42
CA THR A 211 -21.77 12.17 7.24
C THR A 211 -21.21 10.82 6.84
N ILE A 212 -19.87 10.75 6.73
CA ILE A 212 -19.18 9.49 6.60
C ILE A 212 -18.30 9.31 7.83
N GLY A 213 -18.51 8.22 8.56
CA GLY A 213 -17.72 7.99 9.76
C GLY A 213 -16.81 6.79 9.62
N PHE A 214 -15.65 6.88 10.29
CA PHE A 214 -14.67 5.81 10.41
C PHE A 214 -14.28 5.73 11.86
N PHE A 215 -13.63 4.65 12.24
CA PHE A 215 -13.14 4.49 13.61
C PHE A 215 -11.89 5.28 13.93
N ALA A 216 -11.12 5.68 12.91
CA ALA A 216 -9.81 6.29 13.15
C ALA A 216 -9.58 7.49 12.23
N ASP A 217 -8.85 8.47 12.73
CA ASP A 217 -8.44 9.60 11.91
C ASP A 217 -7.69 9.20 10.64
N ARG A 218 -6.84 8.20 10.73
CA ARG A 218 -6.04 7.80 9.58
C ARG A 218 -6.95 7.39 8.43
N TRP A 219 -8.03 6.73 8.77
CA TRP A 219 -9.01 6.30 7.74
C TRP A 219 -9.73 7.45 7.12
N CYS A 220 -10.17 8.39 7.93
CA CYS A 220 -10.71 9.64 7.39
C CYS A 220 -9.73 10.34 6.45
N ARG A 221 -8.46 10.48 6.86
CA ARG A 221 -7.44 11.14 6.06
C ARG A 221 -7.25 10.42 4.71
N ASN A 222 -7.11 9.10 4.75
CA ASN A 222 -6.92 8.29 3.54
C ASN A 222 -8.09 8.42 2.58
N PHE A 223 -9.28 8.47 3.14
CA PHE A 223 -10.50 8.65 2.35
C PHE A 223 -10.45 10.00 1.62
N LEU A 224 -10.16 11.05 2.37
CA LEU A 224 -10.07 12.39 1.73
C LEU A 224 -9.01 12.41 0.62
N GLU A 225 -7.88 11.76 0.85
CA GLU A 225 -6.81 11.70 -0.19
C GLU A 225 -7.29 10.96 -1.42
N SER A 226 -8.06 9.88 -1.22
CA SER A 226 -8.59 9.06 -2.33
C SER A 226 -9.53 9.91 -3.17
N VAL A 227 -10.36 10.69 -2.48
CA VAL A 227 -11.33 11.53 -3.18
C VAL A 227 -10.59 12.61 -3.94
N ALA A 228 -9.61 13.27 -3.31
CA ALA A 228 -8.83 14.33 -3.99
C ALA A 228 -8.14 13.80 -5.23
N ASP A 229 -7.61 12.58 -5.10
CA ASP A 229 -6.87 11.95 -6.17
C ASP A 229 -7.78 11.58 -7.34
N LEU A 230 -8.97 11.00 -7.08
CA LEU A 230 -9.74 10.37 -8.18
C LEU A 230 -10.85 11.21 -8.77
N LEU A 231 -11.33 12.16 -7.99
CA LEU A 231 -12.52 12.91 -8.39
C LEU A 231 -12.12 14.34 -8.69
N PRO A 232 -11.88 14.65 -9.99
CA PRO A 232 -11.35 15.99 -10.29
C PRO A 232 -12.33 17.11 -9.90
N ASP A 233 -13.64 16.81 -9.91
CA ASP A 233 -14.65 17.78 -9.46
C ASP A 233 -14.68 18.10 -7.94
N ALA A 234 -14.10 17.25 -7.09
CA ALA A 234 -14.25 17.40 -5.62
C ALA A 234 -13.26 18.40 -5.02
N ARG A 235 -13.66 19.10 -3.95
CA ARG A 235 -12.73 19.92 -3.16
C ARG A 235 -12.70 19.40 -1.75
N ILE A 236 -11.51 19.11 -1.23
CA ILE A 236 -11.38 18.59 0.12
C ILE A 236 -10.79 19.63 1.07
N ASP A 237 -11.11 19.50 2.35
CA ASP A 237 -10.51 20.32 3.38
C ASP A 237 -10.03 19.42 4.48
N ARG A 238 -8.70 19.27 4.59
CA ARG A 238 -8.10 18.34 5.53
C ARG A 238 -8.29 18.70 7.00
N GLU A 239 -8.55 19.97 7.26
CA GLU A 239 -8.67 20.45 8.63
C GLU A 239 -10.13 20.43 9.10
N ALA A 240 -11.03 20.92 8.24
CA ALA A 240 -12.49 20.82 8.42
C ALA A 240 -13.03 19.39 8.21
N MSE A 241 -12.21 18.54 7.60
CA MSE A 241 -12.60 17.16 7.25
C MSE A 241 -13.85 17.09 6.41
O MSE A 241 -14.80 16.39 6.75
CB MSE A 241 -12.77 16.31 8.52
CG MSE A 241 -11.48 16.32 9.33
SE MSE A 241 -10.00 15.82 8.13
CE MSE A 241 -10.67 13.97 8.13
N THR A 242 -13.87 17.83 5.31
CA THR A 242 -15.03 17.88 4.44
C THR A 242 -14.68 17.61 2.97
N VAL A 243 -15.67 17.12 2.24
CA VAL A 243 -15.64 17.03 0.80
C VAL A 243 -16.81 17.84 0.25
N GLU A 244 -16.55 18.63 -0.78
CA GLU A 244 -17.62 19.23 -1.58
C GLU A 244 -17.50 18.72 -3.01
N TRP A 245 -18.57 18.13 -3.53
CA TRP A 245 -18.53 17.47 -4.82
C TRP A 245 -19.89 17.49 -5.44
N ARG A 246 -20.01 18.05 -6.63
CA ARG A 246 -21.26 17.97 -7.40
C ARG A 246 -22.54 18.26 -6.64
N GLY A 247 -22.53 19.27 -5.78
CA GLY A 247 -23.69 19.50 -4.93
C GLY A 247 -23.49 19.13 -3.47
N HIS A 248 -23.13 17.86 -3.21
CA HIS A 248 -23.04 17.32 -1.85
C HIS A 248 -21.90 17.94 -1.06
N ARG A 249 -22.16 18.30 0.21
CA ARG A 249 -21.10 18.61 1.17
C ARG A 249 -21.14 17.45 2.14
N THR A 250 -20.01 16.78 2.33
CA THR A 250 -19.98 15.59 3.18
C THR A 250 -18.99 15.82 4.26
N ARG A 251 -19.38 15.50 5.48
CA ARG A 251 -18.45 15.64 6.60
C ARG A 251 -17.87 14.28 6.95
N LEU A 252 -16.55 14.21 7.13
CA LEU A 252 -15.89 13.01 7.62
C LEU A 252 -15.67 13.11 9.13
N ARG A 253 -16.06 12.07 9.87
CA ARG A 253 -15.91 12.08 11.31
C ARG A 253 -15.23 10.84 11.81
N THR A 254 -14.37 11.00 12.81
CA THR A 254 -13.77 9.85 13.48
C THR A 254 -14.62 9.60 14.72
N MSE A 255 -15.14 8.38 14.85
CA MSE A 255 -16.00 8.02 15.98
C MSE A 255 -15.55 6.69 16.55
O MSE A 255 -16.04 5.64 16.15
CB MSE A 255 -17.47 7.96 15.59
CG MSE A 255 -18.01 9.20 14.88
SE MSE A 255 -19.86 8.78 14.24
CE MSE A 255 -20.36 10.49 13.40
N PRO A 256 -14.61 6.73 17.52
CA PRO A 256 -14.02 5.50 18.02
C PRO A 256 -15.01 4.70 18.85
N LEU A 257 -14.83 3.39 18.79
CA LEU A 257 -15.66 2.45 19.54
C LEU A 257 -14.70 1.51 20.26
N GLY A 258 -14.99 1.16 21.51
CA GLY A 258 -14.11 0.27 22.27
C GLY A 258 -14.76 -1.05 22.61
N TYR A 259 -15.90 -0.99 23.31
CA TYR A 259 -16.49 -2.23 23.83
C TYR A 259 -17.95 -2.02 24.23
N SER A 260 -18.66 -3.13 24.44
CA SER A 260 -20.02 -3.10 24.91
C SER A 260 -20.06 -3.64 26.36
N PRO A 261 -20.23 -2.75 27.37
CA PRO A 261 -20.18 -3.23 28.77
C PRO A 261 -21.13 -4.40 29.08
N LEU A 262 -22.28 -4.44 28.41
CA LEU A 262 -23.26 -5.48 28.67
C LEU A 262 -22.82 -6.87 28.19
N THR A 263 -21.72 -6.93 27.43
CA THR A 263 -21.10 -8.20 27.09
C THR A 263 -19.94 -8.60 28.03
N LEU A 264 -19.55 -7.71 28.95
CA LEU A 264 -18.39 -7.97 29.81
C LEU A 264 -18.72 -8.23 31.29
N ASP A 265 -19.96 -7.92 31.69
CA ASP A 265 -20.45 -8.17 33.03
C ASP A 265 -20.99 -9.61 33.13
N GLY A 266 -21.66 -9.93 34.23
CA GLY A 266 -22.22 -11.28 34.40
C GLY A 266 -21.22 -12.26 35.00
N ARG A 267 -21.65 -13.52 35.11
CA ARG A 267 -20.84 -14.55 35.79
C ARG A 267 -19.43 -14.72 35.20
N ASN A 268 -18.50 -15.19 36.04
CA ASN A 268 -17.15 -15.51 35.60
C ASN A 268 -17.19 -16.54 34.48
N PRO A 269 -16.57 -16.24 33.32
CA PRO A 269 -16.56 -17.23 32.23
C PRO A 269 -15.62 -18.40 32.55
N GLN A 270 -15.72 -19.50 31.80
CA GLN A 270 -14.80 -20.62 32.00
C GLN A 270 -13.90 -20.80 30.78
N LEU A 271 -12.64 -21.18 31.01
CA LEU A 271 -11.67 -21.45 29.94
C LEU A 271 -12.04 -22.67 29.14
N PRO A 272 -11.54 -22.75 27.89
CA PRO A 272 -11.80 -23.95 27.09
C PRO A 272 -11.09 -25.19 27.64
N GLU A 273 -11.52 -26.36 27.16
CA GLU A 273 -11.02 -27.67 27.58
C GLU A 273 -9.48 -27.79 27.59
N GLY A 274 -8.94 -28.10 28.76
CA GLY A 274 -7.51 -28.41 28.93
C GLY A 274 -6.59 -27.21 29.10
N ILE A 275 -7.08 -26.03 28.75
CA ILE A 275 -6.25 -24.84 28.75
C ILE A 275 -5.79 -24.45 30.14
N GLU A 276 -6.69 -24.57 31.13
CA GLU A 276 -6.34 -24.16 32.50
C GLU A 276 -5.26 -25.07 33.05
N GLU A 277 -5.39 -26.37 32.77
CA GLU A 277 -4.41 -27.39 33.17
C GLU A 277 -3.05 -27.10 32.56
N TRP A 278 -3.05 -26.97 31.24
CA TRP A 278 -1.85 -26.78 30.43
C TRP A 278 -1.11 -25.51 30.75
N ALA A 279 -1.87 -24.43 30.96
CA ALA A 279 -1.29 -23.14 31.35
C ALA A 279 -0.87 -23.08 32.83
N ASP A 280 -1.23 -24.10 33.60
CA ASP A 280 -1.16 -24.06 35.07
C ASP A 280 0.08 -23.39 35.70
N GLY A 281 1.27 -23.97 35.51
CA GLY A 281 2.46 -23.41 36.15
C GLY A 281 3.20 -22.37 35.31
N HIS A 282 2.49 -21.77 34.37
CA HIS A 282 3.14 -20.95 33.34
C HIS A 282 2.56 -19.58 33.22
N ARG A 283 3.39 -18.63 32.81
CA ARG A 283 2.87 -17.35 32.33
C ARG A 283 2.28 -17.59 30.95
N LEU A 284 1.17 -16.92 30.64
CA LEU A 284 0.47 -17.22 29.39
C LEU A 284 0.33 -16.02 28.46
N VAL A 285 0.95 -16.12 27.29
CA VAL A 285 0.81 -15.12 26.21
C VAL A 285 -0.43 -15.51 25.41
N VAL A 286 -1.33 -14.57 25.19
CA VAL A 286 -2.54 -14.88 24.40
C VAL A 286 -2.58 -13.99 23.16
N HIS A 287 -2.67 -14.61 21.98
CA HIS A 287 -3.04 -13.86 20.78
C HIS A 287 -4.45 -14.30 20.45
N SER A 288 -5.35 -13.39 20.13
CA SER A 288 -6.73 -13.79 19.87
C SER A 288 -7.26 -13.04 18.67
N GLY A 289 -7.99 -13.73 17.81
CA GLY A 289 -8.60 -13.08 16.64
C GLY A 289 -9.23 -14.06 15.67
N ARG A 290 -10.01 -13.49 14.74
CA ARG A 290 -10.64 -14.25 13.65
C ARG A 290 -9.59 -14.92 12.78
N THR A 291 -9.98 -15.97 12.04
CA THR A 291 -9.10 -16.56 11.04
C THR A 291 -9.06 -15.62 9.83
N ASP A 292 -8.29 -14.56 9.97
CA ASP A 292 -8.23 -13.51 8.93
C ASP A 292 -6.77 -13.11 8.90
N PRO A 293 -6.14 -13.03 7.69
CA PRO A 293 -4.71 -12.70 7.66
C PRO A 293 -4.34 -11.43 8.44
N ILE A 294 -5.25 -10.46 8.51
CA ILE A 294 -4.89 -9.20 9.18
C ILE A 294 -4.56 -9.41 10.66
N LYS A 295 -5.06 -10.50 11.25
CA LYS A 295 -4.87 -10.69 12.71
C LYS A 295 -3.41 -11.01 13.11
N ASN A 296 -2.61 -11.47 12.13
CA ASN A 296 -1.12 -11.50 12.27
C ASN A 296 -0.54 -12.48 13.29
N ALA A 297 -1.26 -13.57 13.55
CA ALA A 297 -0.79 -14.58 14.51
C ALA A 297 0.51 -15.24 14.08
N GLU A 298 0.74 -15.39 12.78
CA GLU A 298 1.96 -16.06 12.36
C GLU A 298 3.17 -15.26 12.80
N ARG A 299 3.13 -13.94 12.58
CA ARG A 299 4.24 -13.10 13.05
C ARG A 299 4.31 -13.04 14.55
N ALA A 300 3.15 -13.06 15.20
CA ALA A 300 3.09 -13.09 16.66
C ALA A 300 3.87 -14.31 17.18
N VAL A 301 3.64 -15.47 16.56
CA VAL A 301 4.31 -16.73 16.99
C VAL A 301 5.81 -16.66 16.71
N ARG A 302 6.18 -16.22 15.51
CA ARG A 302 7.60 -16.07 15.18
C ARG A 302 8.31 -15.06 16.10
N ALA A 303 7.63 -13.98 16.47
CA ALA A 303 8.21 -13.02 17.42
C ALA A 303 8.39 -13.66 18.80
N PHE A 304 7.40 -14.46 19.20
CA PHE A 304 7.49 -15.19 20.47
C PHE A 304 8.71 -16.11 20.48
N VAL A 305 8.90 -16.86 19.40
CA VAL A 305 10.05 -17.76 19.26
C VAL A 305 11.39 -17.02 19.38
N LEU A 306 11.52 -15.88 18.68
CA LEU A 306 12.71 -15.02 18.81
C LEU A 306 12.95 -14.57 20.25
N ALA A 307 11.89 -14.20 20.96
CA ALA A 307 12.01 -13.78 22.36
C ALA A 307 12.39 -14.95 23.29
N ALA A 308 11.82 -16.12 23.04
CA ALA A 308 12.11 -17.27 23.91
C ALA A 308 13.53 -17.77 23.69
N ARG A 309 13.78 -18.31 22.50
CA ARG A 309 15.03 -19.01 22.17
C ARG A 309 16.29 -18.24 22.60
N GLY A 310 17.24 -18.92 23.25
CA GLY A 310 17.11 -20.30 23.73
C GLY A 310 17.25 -20.36 25.26
N GLY A 311 16.11 -20.44 25.94
CA GLY A 311 16.04 -20.16 27.37
C GLY A 311 15.69 -18.69 27.56
N GLY A 312 15.25 -18.30 28.75
CA GLY A 312 14.82 -16.92 28.98
C GLY A 312 13.33 -16.81 29.25
N LEU A 313 12.51 -17.46 28.40
CA LEU A 313 11.06 -17.53 28.64
C LEU A 313 10.61 -18.91 29.09
N GLU A 314 11.41 -19.56 29.94
CA GLU A 314 11.23 -20.99 30.20
C GLU A 314 9.87 -21.40 30.79
N LYS A 315 9.30 -20.55 31.62
CA LYS A 315 8.02 -20.86 32.23
C LYS A 315 6.88 -20.15 31.52
N THR A 316 7.04 -19.89 30.22
CA THR A 316 6.03 -19.17 29.46
C THR A 316 5.46 -20.07 28.35
N ARG A 317 4.13 -20.06 28.23
CA ARG A 317 3.46 -20.70 27.10
C ARG A 317 2.67 -19.68 26.29
N MSE A 318 2.28 -20.04 25.07
CA MSE A 318 1.53 -19.10 24.23
C MSE A 318 0.30 -19.76 23.68
O MSE A 318 0.38 -20.86 23.15
CB MSE A 318 2.41 -18.60 23.08
CG MSE A 318 1.58 -17.76 22.11
SE MSE A 318 2.80 -16.80 20.93
CE MSE A 318 1.43 -15.73 19.99
N LEU A 319 -0.85 -19.10 23.82
CA LEU A 319 -2.09 -19.61 23.26
C LEU A 319 -2.51 -18.69 22.12
N VAL A 320 -2.76 -19.29 20.95
CA VAL A 320 -3.27 -18.59 19.76
C VAL A 320 -4.73 -19.00 19.68
N ARG A 321 -5.60 -18.07 20.06
CA ARG A 321 -7.03 -18.33 19.92
C ARG A 321 -7.52 -17.79 18.61
N MSE A 322 -8.10 -18.66 17.78
CA MSE A 322 -8.60 -18.26 16.47
C MSE A 322 -10.06 -18.56 16.44
O MSE A 322 -10.53 -19.57 17.00
CB MSE A 322 -7.86 -18.97 15.32
CG MSE A 322 -6.40 -18.56 15.30
SE MSE A 322 -5.61 -18.98 13.53
CE MSE A 322 -5.08 -20.74 14.14
N ASN A 323 -10.80 -17.65 15.81
CA ASN A 323 -12.25 -17.71 15.73
C ASN A 323 -12.57 -17.92 14.26
N PRO A 324 -13.02 -19.14 13.88
CA PRO A 324 -13.18 -19.43 12.44
C PRO A 324 -14.28 -18.61 11.77
N ASN A 325 -13.94 -18.04 10.61
CA ASN A 325 -14.78 -17.10 9.89
C ASN A 325 -14.27 -17.07 8.46
N ARG A 326 -15.17 -17.20 7.49
CA ARG A 326 -14.81 -17.02 6.09
C ARG A 326 -13.67 -17.96 5.68
N LEU A 327 -13.67 -19.21 6.17
CA LEU A 327 -12.62 -20.15 5.79
C LEU A 327 -12.63 -20.60 4.33
N TYR A 328 -13.71 -20.28 3.62
CA TYR A 328 -13.81 -20.53 2.19
C TYR A 328 -13.03 -19.53 1.33
N VAL A 329 -12.61 -18.40 1.93
CA VAL A 329 -11.75 -17.44 1.23
C VAL A 329 -10.30 -17.96 1.25
N PRO A 330 -9.65 -18.07 0.07
CA PRO A 330 -8.31 -18.69 0.10
C PRO A 330 -7.27 -18.04 1.01
N ALA A 331 -7.28 -16.70 1.07
CA ALA A 331 -6.42 -15.95 1.97
C ALA A 331 -6.60 -16.38 3.43
N ASN A 332 -7.84 -16.66 3.84
CA ASN A 332 -8.09 -17.04 5.23
C ASN A 332 -7.66 -18.47 5.51
N ALA A 333 -7.99 -19.37 4.57
CA ALA A 333 -7.49 -20.74 4.67
C ALA A 333 -5.95 -20.79 4.72
N ASP A 334 -5.31 -20.01 3.84
CA ASP A 334 -3.85 -19.91 3.80
C ASP A 334 -3.27 -19.40 5.12
N TYR A 335 -3.95 -18.43 5.72
CA TYR A 335 -3.51 -17.87 6.99
C TYR A 335 -3.49 -18.94 8.09
N VAL A 336 -4.59 -19.67 8.22
CA VAL A 336 -4.68 -20.76 9.17
C VAL A 336 -3.52 -21.73 8.93
N HIS A 337 -3.27 -22.11 7.68
CA HIS A 337 -2.16 -22.99 7.37
C HIS A 337 -0.82 -22.41 7.80
N ARG A 338 -0.62 -21.13 7.54
CA ARG A 338 0.64 -20.52 7.96
C ARG A 338 0.80 -20.49 9.49
N VAL A 339 -0.30 -20.21 10.22
CA VAL A 339 -0.22 -20.15 11.69
C VAL A 339 0.06 -21.56 12.24
N GLU A 340 -0.71 -22.56 11.78
CA GLU A 340 -0.48 -23.98 12.18
C GLU A 340 0.99 -24.36 11.98
N THR A 341 1.53 -23.96 10.82
CA THR A 341 2.92 -24.26 10.45
C THR A 341 3.89 -23.56 11.39
N ALA A 342 3.62 -22.29 11.70
CA ALA A 342 4.49 -21.54 12.61
C ALA A 342 4.43 -22.11 14.03
N VAL A 343 3.23 -22.53 14.46
CA VAL A 343 3.08 -23.14 15.80
C VAL A 343 3.85 -24.48 15.83
N ALA A 344 3.72 -25.27 14.76
CA ALA A 344 4.43 -26.57 14.66
C ALA A 344 5.93 -26.33 14.77
N GLU A 345 6.43 -25.36 14.02
CA GLU A 345 7.85 -24.98 14.09
C GLU A 345 8.26 -24.43 15.44
N ALA A 346 7.37 -23.71 16.12
CA ALA A 346 7.69 -23.18 17.44
C ALA A 346 7.90 -24.32 18.43
N ASN A 347 7.01 -25.29 18.35
CA ASN A 347 7.04 -26.40 19.28
C ASN A 347 8.23 -27.32 19.04
N ALA A 348 8.53 -27.56 17.77
CA ALA A 348 9.73 -28.29 17.36
C ALA A 348 10.98 -27.65 17.97
N GLU A 349 11.00 -26.33 18.08
CA GLU A 349 12.17 -25.62 18.56
C GLU A 349 12.20 -25.47 20.09
N LEU A 350 11.12 -24.95 20.66
CA LEU A 350 11.08 -24.59 22.08
C LEU A 350 10.71 -25.73 23.05
N GLY A 351 10.30 -26.87 22.50
CA GLY A 351 9.79 -27.97 23.31
C GLY A 351 8.30 -28.17 23.09
N SER A 352 7.87 -29.43 23.15
CA SER A 352 6.50 -29.82 22.91
C SER A 352 5.52 -29.04 23.76
N ASP A 353 4.41 -28.66 23.13
CA ASP A 353 3.28 -28.08 23.82
C ASP A 353 3.58 -26.72 24.47
N THR A 354 4.53 -25.99 23.91
CA THR A 354 4.85 -24.64 24.38
C THR A 354 3.82 -23.68 23.81
N VAL A 355 3.40 -23.94 22.58
CA VAL A 355 2.42 -23.09 21.90
C VAL A 355 1.20 -23.93 21.52
N ARG A 356 0.00 -23.46 21.84
CA ARG A 356 -1.18 -24.20 21.41
C ARG A 356 -2.10 -23.30 20.61
N ILE A 357 -2.80 -23.89 19.65
CA ILE A 357 -3.90 -23.24 18.94
C ILE A 357 -5.21 -23.77 19.53
N ASP A 358 -6.18 -22.87 19.69
CA ASP A 358 -7.51 -23.29 20.13
C ASP A 358 -8.50 -22.46 19.35
N ASN A 359 -9.33 -23.15 18.57
CA ASN A 359 -10.30 -22.51 17.66
C ASN A 359 -11.74 -22.76 18.06
N ASP A 360 -12.48 -21.69 18.29
CA ASP A 360 -13.93 -21.78 18.32
C ASP A 360 -14.47 -20.37 18.29
N ASN A 361 -15.80 -20.24 18.18
CA ASN A 361 -16.47 -18.95 18.20
C ASN A 361 -17.25 -18.73 19.49
N ASP A 362 -16.73 -19.30 20.57
CA ASP A 362 -17.36 -19.25 21.86
C ASP A 362 -16.83 -18.01 22.60
N VAL A 363 -17.69 -17.01 22.74
CA VAL A 363 -17.34 -15.75 23.36
C VAL A 363 -17.03 -15.88 24.86
N ASN A 364 -17.68 -16.85 25.53
CA ASN A 364 -17.34 -17.21 26.92
C ASN A 364 -15.86 -17.66 26.96
N HIS A 365 -15.43 -18.47 25.99
CA HIS A 365 -14.02 -18.90 25.95
C HIS A 365 -13.08 -17.76 25.66
N THR A 366 -13.51 -16.83 24.83
CA THR A 366 -12.67 -15.69 24.51
C THR A 366 -12.43 -14.80 25.70
N ILE A 367 -13.50 -14.42 26.39
CA ILE A 367 -13.40 -13.60 27.60
C ILE A 367 -12.55 -14.30 28.66
N ALA A 368 -12.71 -15.62 28.80
CA ALA A 368 -11.95 -16.42 29.76
C ALA A 368 -10.45 -16.39 29.47
N CYS A 369 -10.08 -16.56 28.20
CA CYS A 369 -8.68 -16.43 27.77
C CYS A 369 -8.15 -15.00 27.98
N PHE A 370 -8.96 -13.98 27.69
CA PHE A 370 -8.55 -12.61 28.00
C PHE A 370 -8.28 -12.48 29.48
N ARG A 371 -9.13 -13.11 30.29
CA ARG A 371 -9.03 -13.01 31.74
C ARG A 371 -7.73 -13.64 32.27
N ARG A 372 -7.32 -14.74 31.66
CA ARG A 372 -6.20 -15.51 32.17
C ARG A 372 -4.86 -14.98 31.69
N ALA A 373 -4.87 -14.19 30.61
CA ALA A 373 -3.63 -13.82 29.94
C ALA A 373 -2.69 -13.08 30.87
N ASP A 374 -1.40 -13.40 30.78
CA ASP A 374 -0.36 -12.60 31.41
C ASP A 374 0.16 -11.53 30.43
N LEU A 375 0.05 -11.82 29.14
CA LEU A 375 0.44 -10.89 28.09
C LEU A 375 -0.59 -11.02 26.99
N LEU A 376 -1.13 -9.89 26.53
CA LEU A 376 -2.10 -9.89 25.42
C LEU A 376 -1.47 -9.34 24.16
N ILE A 377 -1.59 -10.04 23.03
CA ILE A 377 -1.00 -9.52 21.78
C ILE A 377 -2.10 -9.29 20.76
N PHE A 378 -2.27 -8.03 20.36
CA PHE A 378 -3.17 -7.61 19.28
C PHE A 378 -2.40 -6.82 18.22
N ASN A 379 -1.65 -7.59 17.41
CA ASN A 379 -0.59 -7.07 16.55
C ASN A 379 -1.01 -7.05 15.10
N SER A 380 -2.28 -6.75 14.84
CA SER A 380 -2.84 -6.75 13.46
C SER A 380 -2.00 -6.04 12.42
N THR A 381 -1.93 -6.62 11.23
CA THR A 381 -1.25 -5.91 10.13
C THR A 381 -1.95 -4.57 9.87
N VAL A 382 -3.27 -4.57 10.00
CA VAL A 382 -4.10 -3.35 9.99
C VAL A 382 -5.39 -3.80 10.66
N ASP A 383 -6.14 -2.86 11.22
CA ASP A 383 -7.44 -3.26 11.73
C ASP A 383 -8.32 -2.03 11.76
N GLY A 384 -9.56 -2.14 11.28
CA GLY A 384 -10.46 -0.99 11.34
C GLY A 384 -10.44 -0.34 12.71
N GLN A 385 -10.71 -1.12 13.74
CA GLN A 385 -10.50 -0.64 15.10
C GLN A 385 -9.71 -1.71 15.85
N ASN A 386 -10.36 -2.85 16.06
CA ASN A 386 -10.02 -3.93 17.00
C ASN A 386 -10.65 -3.54 18.35
N LEU A 387 -11.66 -4.33 18.74
CA LEU A 387 -12.39 -4.06 19.95
C LEU A 387 -11.79 -4.92 21.03
N SER A 388 -11.08 -5.98 20.65
CA SER A 388 -10.54 -6.87 21.68
C SER A 388 -9.51 -6.16 22.54
N THR A 389 -8.80 -5.19 21.96
CA THR A 389 -7.81 -4.47 22.72
C THR A 389 -8.41 -3.56 23.80
N PHE A 390 -9.72 -3.33 23.76
CA PHE A 390 -10.41 -2.61 24.84
C PHE A 390 -10.97 -3.67 25.79
N GLU A 391 -11.67 -4.67 25.25
CA GLU A 391 -12.32 -5.68 26.10
C GLU A 391 -11.34 -6.43 26.97
N ALA A 392 -10.21 -6.83 26.39
CA ALA A 392 -9.27 -7.69 27.09
C ALA A 392 -8.66 -7.07 28.37
N PRO A 393 -8.18 -5.80 28.29
CA PRO A 393 -7.65 -5.19 29.53
C PRO A 393 -8.74 -4.92 30.54
N LEU A 394 -9.96 -4.67 30.07
CA LEU A 394 -11.09 -4.41 30.98
C LEU A 394 -11.52 -5.64 31.77
N VAL A 395 -11.39 -6.84 31.20
CA VAL A 395 -11.73 -8.06 31.96
C VAL A 395 -10.52 -8.77 32.59
N ASN A 396 -9.30 -8.37 32.21
CA ASN A 396 -8.12 -9.13 32.62
C ASN A 396 -7.85 -8.99 34.11
N GLU A 397 -7.60 -10.12 34.78
CA GLU A 397 -7.43 -10.14 36.24
C GLU A 397 -5.98 -10.19 36.71
N ARG A 398 -5.05 -9.98 35.80
CA ARG A 398 -3.64 -10.20 36.09
C ARG A 398 -2.76 -9.03 35.69
N ASP A 399 -3.37 -7.86 35.49
CA ASP A 399 -2.66 -6.67 35.03
C ASP A 399 -1.79 -6.92 33.80
N ALA A 400 -2.31 -7.74 32.87
CA ALA A 400 -1.59 -8.18 31.68
C ALA A 400 -1.16 -6.98 30.84
N ASP A 401 0.04 -7.05 30.29
CA ASP A 401 0.49 -5.98 29.41
C ASP A 401 -0.20 -6.21 28.07
N VAL A 402 -0.21 -5.19 27.21
CA VAL A 402 -0.83 -5.31 25.90
C VAL A 402 0.17 -4.85 24.83
N ILE A 403 0.45 -5.73 23.88
CA ILE A 403 1.21 -5.37 22.69
C ILE A 403 0.18 -5.07 21.60
N LEU A 404 0.22 -3.85 21.05
CA LEU A 404 -0.83 -3.38 20.16
C LEU A 404 -0.17 -2.88 18.88
N SER A 405 -0.61 -3.35 17.73
CA SER A 405 -0.13 -2.76 16.48
C SER A 405 -0.52 -1.30 16.29
N GLU A 406 0.44 -0.50 15.82
CA GLU A 406 0.21 0.91 15.53
C GLU A 406 -0.76 1.13 14.37
N THR A 407 -1.07 0.06 13.65
CA THR A 407 -1.95 0.14 12.46
C THR A 407 -3.40 -0.31 12.78
N CYS A 408 -3.68 -0.63 14.06
CA CYS A 408 -5.06 -0.81 14.55
C CYS A 408 -5.67 0.57 14.77
N GLY A 409 -6.91 0.79 14.33
CA GLY A 409 -7.56 2.06 14.67
C GLY A 409 -7.53 2.26 16.18
N ALA A 410 -7.61 1.18 16.95
CA ALA A 410 -7.62 1.31 18.43
C ALA A 410 -6.41 2.05 18.97
N ALA A 411 -5.29 1.94 18.26
CA ALA A 411 -4.04 2.57 18.73
C ALA A 411 -4.11 4.07 18.81
N GLU A 412 -5.04 4.69 18.07
CA GLU A 412 -5.18 6.13 18.18
C GLU A 412 -5.71 6.56 19.53
N VAL A 413 -6.40 5.65 20.21
CA VAL A 413 -6.92 5.91 21.55
C VAL A 413 -6.04 5.25 22.61
N LEU A 414 -5.58 4.01 22.36
CA LEU A 414 -4.89 3.24 23.41
C LEU A 414 -3.38 3.07 23.23
N GLY A 415 -2.84 3.53 22.09
CA GLY A 415 -1.43 3.25 21.79
C GLY A 415 -0.46 3.73 22.86
N GLU A 416 -0.74 4.90 23.44
CA GLU A 416 0.13 5.49 24.46
C GLU A 416 0.13 4.63 25.72
N TYR A 417 -0.91 3.80 25.89
CA TYR A 417 -1.06 3.02 27.13
C TYR A 417 -0.70 1.57 26.98
N CYS A 418 -0.21 1.19 25.79
CA CYS A 418 0.17 -0.19 25.48
C CYS A 418 1.58 -0.13 24.89
N ARG A 419 2.12 -1.29 24.56
CA ARG A 419 3.38 -1.33 23.86
C ARG A 419 3.06 -1.32 22.37
N SER A 420 3.15 -0.14 21.78
CA SER A 420 2.78 0.07 20.39
C SER A 420 3.90 -0.39 19.47
N VAL A 421 3.58 -1.29 18.54
CA VAL A 421 4.60 -1.89 17.67
C VAL A 421 4.28 -1.76 16.17
N ASN A 422 5.34 -1.78 15.36
CA ASN A 422 5.25 -2.03 13.93
C ASN A 422 4.98 -3.54 13.77
N PRO A 423 3.81 -3.92 13.23
CA PRO A 423 3.41 -5.34 13.16
C PRO A 423 4.22 -6.21 12.17
N PHE A 424 5.03 -5.57 11.34
CA PHE A 424 5.90 -6.23 10.36
C PHE A 424 7.30 -6.53 10.88
N ASP A 425 7.64 -5.95 12.03
CA ASP A 425 9.00 -6.04 12.63
C ASP A 425 9.03 -7.08 13.74
N LEU A 426 9.59 -8.24 13.40
CA LEU A 426 9.69 -9.35 14.34
C LEU A 426 10.62 -9.02 15.50
N VAL A 427 11.71 -8.30 15.22
CA VAL A 427 12.63 -7.89 16.28
C VAL A 427 11.97 -6.97 17.28
N GLU A 428 11.27 -5.94 16.78
CA GLU A 428 10.55 -5.06 17.67
C GLU A 428 9.55 -5.84 18.51
N GLN A 429 8.81 -6.76 17.86
CA GLN A 429 7.77 -7.47 18.55
C GLN A 429 8.36 -8.45 19.56
N ALA A 430 9.42 -9.16 19.19
CA ALA A 430 10.11 -10.04 20.17
C ALA A 430 10.62 -9.23 21.37
N GLU A 431 11.18 -8.04 21.13
CA GLU A 431 11.69 -7.21 22.27
C GLU A 431 10.55 -6.69 23.19
N ALA A 432 9.42 -6.35 22.59
CA ALA A 432 8.22 -6.01 23.36
C ALA A 432 7.69 -7.21 24.20
N ILE A 433 7.72 -8.42 23.63
CA ILE A 433 7.30 -9.60 24.39
C ILE A 433 8.22 -9.80 25.59
N SER A 434 9.53 -9.74 25.33
CA SER A 434 10.52 -9.87 26.41
C SER A 434 10.35 -8.80 27.46
N ALA A 435 10.25 -7.55 27.04
CA ALA A 435 10.05 -6.46 28.00
C ALA A 435 8.76 -6.58 28.80
N ALA A 436 7.65 -6.97 28.15
CA ALA A 436 6.38 -7.09 28.88
C ALA A 436 6.49 -8.13 29.98
N LEU A 437 7.17 -9.24 29.68
CA LEU A 437 7.26 -10.36 30.63
C LEU A 437 8.33 -10.12 31.70
N ALA A 438 9.25 -9.19 31.42
CA ALA A 438 10.28 -8.84 32.41
C ALA A 438 9.75 -7.84 33.44
N ALA A 439 8.62 -7.20 33.16
CA ALA A 439 8.00 -6.20 34.04
C ALA A 439 7.48 -6.79 35.34
N GLY A 440 7.70 -6.07 36.45
CA GLY A 440 7.26 -6.52 37.76
C GLY A 440 5.81 -6.18 38.02
N PRO A 441 5.26 -6.68 39.15
CA PRO A 441 3.82 -6.57 39.42
C PRO A 441 3.37 -5.12 39.64
N ARG A 442 4.21 -4.29 40.24
CA ARG A 442 3.86 -2.88 40.48
C ARG A 442 3.86 -2.04 39.20
N GLN A 443 4.84 -2.26 38.34
CA GLN A 443 4.84 -1.63 37.00
C GLN A 443 3.60 -2.10 36.21
N ARG A 444 3.36 -3.41 36.21
CA ARG A 444 2.21 -3.96 35.49
C ARG A 444 0.89 -3.46 36.07
N ALA A 445 0.81 -3.33 37.40
CA ALA A 445 -0.42 -2.82 38.01
C ALA A 445 -0.70 -1.38 37.61
N GLU A 446 0.36 -0.56 37.59
CA GLU A 446 0.24 0.86 37.30
C GLU A 446 -0.12 1.11 35.83
N ALA A 447 0.55 0.38 34.95
CA ALA A 447 0.27 0.41 33.51
C ALA A 447 -1.15 -0.06 33.23
N ALA A 448 -1.56 -1.17 33.84
CA ALA A 448 -2.90 -1.70 33.56
C ALA A 448 -4.03 -0.78 34.04
N ALA A 449 -3.81 -0.05 35.14
CA ALA A 449 -4.81 0.86 35.66
C ALA A 449 -5.01 2.06 34.71
N ARG A 450 -3.91 2.67 34.26
CA ARG A 450 -4.00 3.74 33.25
C ARG A 450 -4.66 3.23 31.96
N ARG A 451 -4.32 2.00 31.56
CA ARG A 451 -4.85 1.37 30.35
C ARG A 451 -6.37 1.12 30.44
N ARG A 452 -6.82 0.59 31.57
CA ARG A 452 -8.26 0.47 31.81
C ARG A 452 -8.96 1.82 31.82
N ASP A 453 -8.36 2.83 32.45
CA ASP A 453 -8.96 4.16 32.51
C ASP A 453 -9.11 4.76 31.12
N ALA A 454 -8.13 4.53 30.25
CA ALA A 454 -8.20 5.06 28.90
C ALA A 454 -9.24 4.34 28.04
N ALA A 455 -9.41 3.03 28.30
CA ALA A 455 -10.36 2.19 27.55
C ALA A 455 -11.82 2.41 27.95
N ARG A 456 -12.06 2.57 29.24
CA ARG A 456 -13.41 2.53 29.80
C ARG A 456 -14.48 3.46 29.18
N PRO A 457 -14.12 4.71 28.79
CA PRO A 457 -15.13 5.61 28.19
C PRO A 457 -15.71 5.23 26.84
N TRP A 458 -15.01 4.37 26.11
CA TRP A 458 -15.35 4.11 24.71
C TRP A 458 -16.36 3.02 24.59
N THR A 459 -17.55 3.28 25.12
CA THR A 459 -18.58 2.26 25.15
C THR A 459 -19.42 2.33 23.88
N LEU A 460 -20.13 1.24 23.62
CA LEU A 460 -21.02 1.18 22.49
C LEU A 460 -22.08 2.26 22.63
N GLU A 461 -22.64 2.42 23.83
CA GLU A 461 -23.66 3.45 24.03
C GLU A 461 -23.17 4.86 23.65
N ALA A 462 -21.93 5.18 24.00
CA ALA A 462 -21.35 6.48 23.71
C ALA A 462 -21.10 6.65 22.21
N TRP A 463 -20.71 5.57 21.58
CA TRP A 463 -20.51 5.59 20.12
C TRP A 463 -21.79 5.81 19.33
N VAL A 464 -22.89 5.19 19.77
CA VAL A 464 -24.18 5.41 19.15
C VAL A 464 -24.57 6.87 19.31
N GLN A 465 -24.37 7.42 20.52
CA GLN A 465 -24.67 8.84 20.77
C GLN A 465 -23.81 9.73 19.87
N ALA A 466 -22.54 9.38 19.71
CA ALA A 466 -21.64 10.09 18.80
C ALA A 466 -22.15 10.08 17.36
N GLN A 467 -22.71 8.95 16.92
CA GLN A 467 -23.30 8.87 15.56
C GLN A 467 -24.41 9.89 15.41
N LEU A 468 -25.35 9.86 16.37
CA LEU A 468 -26.52 10.74 16.35
C LEU A 468 -26.10 12.22 16.43
N ASP A 469 -25.18 12.53 17.33
CA ASP A 469 -24.73 13.90 17.54
C ASP A 469 -24.03 14.47 16.30
N GLY A 470 -23.18 13.67 15.67
CA GLY A 470 -22.42 14.08 14.49
C GLY A 470 -23.35 14.27 13.30
N LEU A 471 -24.20 13.27 13.06
CA LEU A 471 -25.17 13.37 11.97
C LEU A 471 -26.07 14.59 12.13
N ALA A 472 -26.58 14.82 13.33
CA ALA A 472 -27.47 15.94 13.55
C ALA A 472 -26.74 17.26 13.26
N ALA A 473 -25.52 17.40 13.78
CA ALA A 473 -24.71 18.60 13.52
C ALA A 473 -24.45 18.79 12.02
N ASP A 474 -24.08 17.72 11.32
CA ASP A 474 -23.77 17.84 9.90
C ASP A 474 -25.01 18.11 9.07
N HIS A 475 -26.13 17.52 9.47
CA HIS A 475 -27.38 17.79 8.78
C HIS A 475 -27.77 19.25 8.97
N ALA A 476 -27.67 19.74 10.21
CA ALA A 476 -27.96 21.15 10.51
C ALA A 476 -27.19 22.11 9.62
N ALA A 477 -25.95 21.74 9.30
CA ALA A 477 -25.23 22.44 8.27
C ALA A 477 -25.62 21.93 6.87
N ARG A 478 -26.94 21.88 6.62
CA ARG A 478 -27.49 21.70 5.28
C ARG A 478 -26.95 22.78 4.36
N GLU B 5 32.96 23.88 -9.28
CA GLU B 5 32.58 23.92 -7.84
C GLU B 5 31.38 22.99 -7.55
N ILE B 6 30.92 22.29 -8.57
CA ILE B 6 29.80 21.35 -8.41
C ILE B 6 30.30 19.91 -8.20
N PHE B 7 29.75 19.26 -7.19
CA PHE B 7 30.11 17.86 -6.89
C PHE B 7 28.91 16.92 -7.10
N LEU B 8 29.14 15.80 -7.76
CA LEU B 8 28.05 14.89 -8.19
C LEU B 8 28.34 13.47 -7.77
N ALA B 9 27.34 12.81 -7.21
CA ALA B 9 27.50 11.48 -6.63
C ALA B 9 26.25 10.66 -6.86
N SER B 10 26.47 9.37 -7.11
CA SER B 10 25.39 8.36 -7.22
C SER B 10 26.05 7.01 -7.08
N LYS B 11 25.30 6.01 -6.66
CA LYS B 11 25.88 4.70 -6.42
C LYS B 11 26.30 3.96 -7.70
N ARG B 12 25.36 3.80 -8.65
CA ARG B 12 25.49 2.76 -9.68
C ARG B 12 26.25 3.22 -10.91
N ALA B 13 27.37 2.56 -11.17
CA ALA B 13 28.13 2.82 -12.40
C ALA B 13 28.53 1.48 -12.99
N ALA B 14 27.94 1.11 -14.12
CA ALA B 14 28.25 -0.18 -14.73
C ALA B 14 29.33 -0.01 -15.79
N ILE B 15 30.58 -0.10 -15.34
CA ILE B 15 31.73 0.09 -16.20
C ILE B 15 32.22 -1.27 -16.68
N THR B 16 32.66 -1.32 -17.93
CA THR B 16 33.39 -2.49 -18.45
C THR B 16 34.78 -2.06 -18.93
N TYR B 17 35.75 -2.95 -18.72
CA TYR B 17 37.13 -2.71 -19.12
C TYR B 17 37.54 -3.77 -20.12
N ASN B 37 23.29 5.75 -18.89
CA ASN B 37 23.28 6.14 -17.49
C ASN B 37 23.06 7.64 -17.38
N VAL B 38 22.04 8.01 -16.63
CA VAL B 38 21.55 9.38 -16.65
C VAL B 38 22.46 10.29 -15.83
N VAL B 39 23.01 9.74 -14.74
CA VAL B 39 23.90 10.53 -13.91
C VAL B 39 25.24 10.72 -14.64
N ALA B 40 25.72 9.68 -15.31
CA ALA B 40 26.92 9.79 -16.15
C ALA B 40 26.75 10.88 -17.23
N GLU B 41 25.61 10.92 -17.91
CA GLU B 41 25.36 11.98 -18.91
C GLU B 41 25.35 13.35 -18.30
N GLN B 42 24.76 13.47 -17.10
CA GLN B 42 24.77 14.73 -16.38
C GLN B 42 26.20 15.20 -16.03
N ALA B 43 27.05 14.26 -15.60
CA ALA B 43 28.46 14.57 -15.35
C ALA B 43 29.08 15.21 -16.60
N GLY B 44 28.72 14.67 -17.76
CA GLY B 44 29.26 15.12 -19.04
C GLY B 44 28.73 16.48 -19.40
N VAL B 45 27.45 16.72 -19.12
CA VAL B 45 26.84 18.02 -19.34
C VAL B 45 27.50 19.13 -18.54
N LEU B 46 27.70 18.89 -17.25
CA LEU B 46 28.31 19.86 -16.34
C LEU B 46 29.83 19.86 -16.42
N ASN B 47 30.40 18.88 -17.12
CA ASN B 47 31.84 18.62 -17.13
C ASN B 47 32.47 18.55 -15.75
N ILE B 48 31.93 17.67 -14.93
CA ILE B 48 32.42 17.51 -13.59
C ILE B 48 32.72 16.05 -13.34
N SER B 49 33.53 15.78 -12.32
CA SER B 49 33.75 14.41 -11.89
C SER B 49 32.47 13.81 -11.29
N TRP B 50 32.37 12.49 -11.40
CA TRP B 50 31.24 11.73 -10.89
C TRP B 50 31.80 10.74 -9.89
N ILE B 51 31.38 10.89 -8.63
CA ILE B 51 31.73 9.99 -7.53
C ILE B 51 30.70 8.87 -7.52
N ALA B 52 31.16 7.62 -7.68
CA ALA B 52 30.24 6.45 -7.70
C ALA B 52 30.90 5.29 -6.99
N SER B 53 30.19 4.18 -6.82
CA SER B 53 30.71 3.03 -6.06
C SER B 53 31.53 2.10 -6.94
N ALA B 54 32.68 1.65 -6.45
CA ALA B 54 33.30 0.47 -7.07
C ALA B 54 32.47 -0.74 -6.67
N ASP B 55 31.98 -1.52 -7.64
CA ASP B 55 31.26 -2.75 -7.30
C ASP B 55 32.01 -4.04 -7.57
N SER B 56 32.60 -4.15 -8.76
CA SER B 56 33.35 -5.35 -9.11
C SER B 56 34.79 -5.28 -8.64
N GLU B 57 35.54 -6.37 -8.80
CA GLU B 57 36.96 -6.38 -8.45
C GLU B 57 37.76 -5.51 -9.41
N ASP B 58 37.34 -5.48 -10.67
CA ASP B 58 37.96 -4.65 -11.69
C ASP B 58 37.88 -3.17 -11.33
N ASP B 59 36.74 -2.73 -10.81
CA ASP B 59 36.56 -1.35 -10.37
C ASP B 59 37.46 -0.98 -9.21
N ARG B 60 37.55 -1.87 -8.22
CA ARG B 60 38.45 -1.71 -7.08
C ARG B 60 39.88 -1.55 -7.54
N ARG B 61 40.31 -2.40 -8.46
CA ARG B 61 41.66 -2.29 -9.02
C ARG B 61 41.84 -1.02 -9.83
N ALA B 62 40.89 -0.72 -10.72
CA ALA B 62 40.99 0.48 -11.56
C ALA B 62 41.08 1.74 -10.71
N SER B 63 40.27 1.78 -9.66
CA SER B 63 40.21 2.92 -8.74
C SER B 63 41.51 3.06 -7.97
N ALA B 64 42.02 1.95 -7.44
CA ALA B 64 43.30 1.94 -6.72
C ALA B 64 44.45 2.40 -7.63
N LEU B 65 44.46 1.90 -8.88
CA LEU B 65 45.51 2.25 -9.84
C LEU B 65 45.38 3.62 -10.48
N ASN B 66 44.20 4.22 -10.38
CA ASN B 66 43.93 5.51 -11.03
C ASN B 66 43.34 6.51 -10.06
N PRO B 67 44.18 7.10 -9.19
CA PRO B 67 43.75 8.05 -8.16
C PRO B 67 43.06 9.30 -8.72
N ASP B 68 43.48 9.74 -9.91
CA ASP B 68 42.87 10.91 -10.54
C ASP B 68 41.43 10.61 -11.03
N GLY B 69 41.11 9.33 -11.19
CA GLY B 69 39.81 8.90 -11.72
C GLY B 69 39.98 8.15 -13.03
N VAL B 70 38.92 7.49 -13.46
CA VAL B 70 38.92 6.79 -14.75
C VAL B 70 38.10 7.57 -15.77
N THR B 71 38.68 7.77 -16.95
CA THR B 71 38.03 8.55 -17.98
C THR B 71 37.15 7.63 -18.79
N MSE B 72 35.97 8.11 -19.18
CA MSE B 72 35.08 7.30 -20.00
C MSE B 72 34.42 8.13 -21.04
O MSE B 72 34.04 9.28 -20.78
CB MSE B 72 33.99 6.71 -19.12
CG MSE B 72 34.44 5.44 -18.43
SE MSE B 72 32.87 4.69 -17.52
CE MSE B 72 31.76 6.27 -17.12
N GLU B 73 34.29 7.57 -22.24
CA GLU B 73 33.49 8.18 -23.28
C GLU B 73 32.13 7.48 -23.27
N LEU B 74 31.08 8.29 -23.28
CA LEU B 74 29.73 7.79 -23.36
C LEU B 74 29.34 7.80 -24.83
N HIS B 75 28.26 7.08 -25.17
CA HIS B 75 27.80 7.05 -26.56
C HIS B 75 27.49 8.42 -27.07
N SER B 76 26.99 9.28 -26.17
CA SER B 76 26.69 10.67 -26.51
C SER B 76 27.90 11.43 -27.05
N GLY B 77 29.09 10.87 -26.83
CA GLY B 77 30.33 11.50 -27.22
C GLY B 77 30.91 12.32 -26.09
N ARG B 78 30.13 12.54 -25.03
CA ARG B 78 30.65 13.20 -23.83
C ARG B 78 31.68 12.28 -23.19
N GLU B 79 32.70 12.88 -22.61
CA GLU B 79 33.76 12.10 -22.00
C GLU B 79 33.87 12.59 -20.57
N ILE B 80 33.86 11.65 -19.62
CA ILE B 80 33.73 11.99 -18.22
C ILE B 80 34.81 11.34 -17.36
N LEU B 81 35.03 11.92 -16.18
CA LEU B 81 35.96 11.36 -15.21
C LEU B 81 35.14 10.75 -14.07
N VAL B 82 35.37 9.49 -13.75
CA VAL B 82 34.62 8.86 -12.66
C VAL B 82 35.54 8.42 -11.53
N ARG B 83 35.20 8.83 -10.31
CA ARG B 83 35.97 8.52 -9.11
C ARG B 83 35.25 7.42 -8.34
N LEU B 84 35.78 6.21 -8.37
CA LEU B 84 35.08 5.10 -7.74
C LEU B 84 35.50 4.91 -6.30
N ILE B 85 34.53 4.83 -5.41
CA ILE B 85 34.80 4.60 -3.99
C ILE B 85 35.01 3.13 -3.74
N ARG B 86 36.13 2.79 -3.10
CA ARG B 86 36.39 1.42 -2.72
C ARG B 86 35.80 1.17 -1.33
N HIS B 87 34.56 0.67 -1.26
CA HIS B 87 33.96 0.34 0.05
C HIS B 87 34.55 -0.93 0.58
N ASP B 88 34.38 -1.18 1.88
CA ASP B 88 34.59 -2.52 2.40
C ASP B 88 33.73 -3.49 1.61
N PRO B 89 34.33 -4.55 1.04
CA PRO B 89 33.56 -5.42 0.16
C PRO B 89 32.29 -6.05 0.80
N ALA B 90 32.37 -6.48 2.06
CA ALA B 90 31.23 -7.12 2.74
C ALA B 90 30.10 -6.14 3.02
N VAL B 91 30.48 -4.95 3.50
CA VAL B 91 29.55 -3.82 3.67
C VAL B 91 28.85 -3.51 2.34
N PHE B 92 29.61 -3.38 1.25
CA PHE B 92 29.02 -3.08 -0.03
C PHE B 92 28.04 -4.18 -0.50
N ARG B 93 28.50 -5.44 -0.47
CA ARG B 93 27.71 -6.62 -0.79
C ARG B 93 26.34 -6.62 -0.09
N ASN B 94 26.36 -6.40 1.21
CA ASN B 94 25.12 -6.40 1.98
C ASN B 94 24.25 -5.21 1.63
N VAL B 95 24.85 -4.04 1.47
CA VAL B 95 24.10 -2.85 1.17
C VAL B 95 23.42 -2.94 -0.22
N GLN B 96 24.17 -3.38 -1.22
CA GLN B 96 23.64 -3.50 -2.55
C GLN B 96 22.59 -4.60 -2.65
N ASN B 97 22.96 -5.81 -2.24
CA ASN B 97 22.14 -6.98 -2.53
C ASN B 97 20.91 -7.04 -1.64
N PHE B 98 21.08 -6.66 -0.38
CA PHE B 98 20.01 -6.76 0.60
C PHE B 98 19.29 -5.43 0.81
N MSE B 99 20.04 -4.41 1.22
CA MSE B 99 19.43 -3.17 1.66
C MSE B 99 18.84 -2.40 0.52
O MSE B 99 17.67 -2.04 0.58
CB MSE B 99 20.43 -2.30 2.40
CG MSE B 99 20.63 -2.91 3.77
SE MSE B 99 18.86 -3.07 4.62
CE MSE B 99 18.69 -1.19 5.08
N THR B 100 19.62 -2.11 -0.52
CA THR B 100 19.07 -1.18 -1.51
C THR B 100 18.22 -1.85 -2.59
N ALA B 101 18.79 -2.85 -3.24
CA ALA B 101 18.14 -3.53 -4.39
C ALA B 101 16.94 -4.42 -4.00
N ASN B 102 16.89 -4.83 -2.73
CA ASN B 102 15.82 -5.72 -2.30
C ASN B 102 14.91 -4.95 -1.36
N LEU B 103 15.36 -4.66 -0.16
CA LEU B 103 14.48 -4.13 0.89
C LEU B 103 13.97 -2.72 0.52
N MSE B 104 14.89 -1.80 0.19
CA MSE B 104 14.46 -0.43 -0.07
C MSE B 104 13.69 -0.42 -1.36
O MSE B 104 12.78 0.38 -1.54
CB MSE B 104 15.63 0.55 -0.09
CG MSE B 104 16.16 0.69 1.34
SE MSE B 104 17.88 1.64 1.29
CE MSE B 104 17.08 3.34 0.77
N TRP B 105 14.03 -1.35 -2.24
CA TRP B 105 13.32 -1.35 -3.50
C TRP B 105 11.87 -1.68 -3.31
N ALA B 106 11.59 -2.75 -2.56
CA ALA B 106 10.21 -3.16 -2.28
C ALA B 106 9.48 -2.08 -1.45
N ALA B 107 10.19 -1.33 -0.62
CA ALA B 107 9.60 -0.24 0.17
C ALA B 107 9.20 0.94 -0.68
N ASN B 108 9.98 1.27 -1.71
CA ASN B 108 9.65 2.44 -2.51
C ASN B 108 8.91 2.07 -3.77
N ASN B 109 8.93 0.80 -4.13
CA ASN B 109 8.27 0.43 -5.40
C ASN B 109 7.11 -0.53 -5.19
N TYR B 110 6.59 -0.52 -3.96
CA TYR B 110 5.33 -1.18 -3.64
C TYR B 110 5.36 -2.68 -3.99
N GLY B 111 6.24 -3.44 -3.34
CA GLY B 111 6.25 -4.87 -3.66
C GLY B 111 5.79 -5.79 -2.54
N TRP B 112 5.26 -5.22 -1.43
CA TRP B 112 4.88 -6.06 -0.31
C TRP B 112 3.41 -6.14 -0.12
N ASP B 113 2.90 -7.35 0.21
CA ASP B 113 1.47 -7.55 0.42
C ASP B 113 1.02 -7.22 1.87
N ARG B 114 1.96 -7.00 2.81
CA ARG B 114 1.65 -6.73 4.23
C ARG B 114 1.15 -8.00 4.96
N TRP B 115 0.15 -8.69 4.43
CA TRP B 115 -0.34 -9.92 5.08
C TRP B 115 0.72 -10.94 5.35
N THR B 116 1.62 -11.14 4.38
CA THR B 116 2.58 -12.25 4.45
C THR B 116 4.04 -11.80 4.40
N GLN B 117 4.28 -10.66 3.76
CA GLN B 117 5.62 -10.05 3.71
C GLN B 117 5.46 -8.57 3.94
N PRO B 118 6.47 -7.90 4.51
CA PRO B 118 7.77 -8.41 4.92
C PRO B 118 7.72 -8.83 6.38
N SER B 119 8.78 -9.47 6.87
CA SER B 119 8.89 -9.77 8.31
C SER B 119 10.32 -9.50 8.67
N PHE B 120 10.55 -8.38 9.33
CA PHE B 120 11.92 -7.90 9.49
C PHE B 120 12.52 -8.58 10.70
N GLY B 121 13.72 -9.11 10.50
CA GLY B 121 14.45 -9.72 11.59
C GLY B 121 15.76 -9.02 11.85
N SER B 122 16.75 -9.76 12.36
CA SER B 122 18.06 -9.15 12.68
C SER B 122 18.79 -8.65 11.43
N ASP B 123 18.55 -9.31 10.30
CA ASP B 123 19.18 -8.94 9.04
C ASP B 123 18.88 -7.48 8.71
N ALA B 124 17.64 -7.03 8.98
CA ALA B 124 17.31 -5.64 8.63
C ALA B 124 18.15 -4.65 9.45
N ARG B 125 18.43 -5.02 10.72
CA ARG B 125 19.17 -4.13 11.63
C ARG B 125 20.63 -4.07 11.20
N GLU B 126 21.19 -5.22 10.82
CA GLU B 126 22.57 -5.27 10.34
C GLU B 126 22.69 -4.60 8.98
N GLY B 127 21.66 -4.72 8.17
CA GLY B 127 21.63 -4.00 6.92
C GLY B 127 21.62 -2.49 7.17
N TRP B 128 20.90 -2.04 8.19
CA TRP B 128 20.81 -0.62 8.47
C TRP B 128 22.17 -0.11 8.92
N ALA B 129 22.85 -0.87 9.79
CA ALA B 129 24.18 -0.47 10.23
C ALA B 129 25.16 -0.37 9.07
N ASP B 130 25.15 -1.39 8.22
CA ASP B 130 25.95 -1.38 7.01
C ASP B 130 25.63 -0.22 6.09
N PHE B 131 24.34 0.13 6.06
CA PHE B 131 23.92 1.29 5.30
C PHE B 131 24.55 2.60 5.79
N GLY B 132 24.60 2.77 7.11
CA GLY B 132 25.27 3.89 7.71
C GLY B 132 26.73 3.96 7.30
N ARG B 133 27.41 2.81 7.26
CA ARG B 133 28.83 2.77 6.86
C ARG B 133 29.03 3.18 5.40
N PHE B 134 28.20 2.65 4.50
CA PHE B 134 28.15 3.05 3.11
C PHE B 134 27.88 4.54 2.91
N THR B 135 26.92 5.06 3.68
CA THR B 135 26.57 6.47 3.69
C THR B 135 27.79 7.31 4.07
N ARG B 136 28.46 6.91 5.13
CA ARG B 136 29.69 7.60 5.58
C ARG B 136 30.76 7.60 4.49
N ASP B 137 30.91 6.47 3.77
CA ASP B 137 31.85 6.39 2.64
C ASP B 137 31.58 7.46 1.59
N PHE B 138 30.32 7.62 1.21
CA PHE B 138 29.99 8.64 0.24
C PHE B 138 30.23 10.03 0.79
N ALA B 139 29.75 10.31 2.01
CA ALA B 139 29.95 11.64 2.59
C ALA B 139 31.45 11.98 2.69
N ASP B 140 32.26 11.03 3.15
CA ASP B 140 33.72 11.25 3.20
C ASP B 140 34.29 11.57 1.82
N ALA B 141 33.90 10.81 0.80
CA ALA B 141 34.42 11.02 -0.56
C ALA B 141 34.06 12.37 -1.07
N ILE B 142 32.80 12.75 -0.82
CA ILE B 142 32.31 14.00 -1.31
C ILE B 142 32.99 15.14 -0.56
N LEU B 143 33.11 15.04 0.77
CA LEU B 143 33.73 16.10 1.57
C LEU B 143 35.25 16.20 1.38
N LYS B 144 35.91 15.05 1.28
CA LYS B 144 37.34 14.98 0.96
C LYS B 144 37.64 15.70 -0.36
N SER B 145 36.83 15.40 -1.37
CA SER B 145 36.96 16.00 -2.70
C SER B 145 36.61 17.49 -2.80
N SER B 146 35.79 17.99 -1.87
CA SER B 146 35.32 19.37 -1.91
C SER B 146 36.00 20.23 -0.85
N ALA B 147 36.91 19.63 -0.10
CA ALA B 147 37.52 20.26 1.08
C ALA B 147 38.20 21.60 0.82
N GLN B 148 38.87 21.72 -0.33
CA GLN B 148 39.55 22.97 -0.69
C GLN B 148 38.60 23.95 -1.40
N SER B 149 37.39 23.49 -1.74
CA SER B 149 36.39 24.33 -2.40
C SER B 149 35.78 25.36 -1.43
N ALA B 150 35.71 26.61 -1.87
CA ALA B 150 35.14 27.67 -1.03
C ALA B 150 33.61 27.68 -1.06
N ASP B 151 33.02 27.35 -2.22
CA ASP B 151 31.56 27.38 -2.40
C ASP B 151 31.01 26.11 -3.07
N PRO B 152 31.17 24.94 -2.43
CA PRO B 152 30.75 23.72 -3.11
C PRO B 152 29.23 23.63 -3.25
N VAL B 153 28.79 23.14 -4.41
CA VAL B 153 27.38 22.80 -4.69
C VAL B 153 27.32 21.26 -4.76
N TYR B 154 26.37 20.64 -4.06
CA TYR B 154 26.35 19.17 -3.98
C TYR B 154 25.10 18.61 -4.63
N LEU B 155 25.29 17.78 -5.67
CA LEU B 155 24.15 17.10 -6.29
C LEU B 155 24.25 15.62 -5.96
N VAL B 156 23.32 15.15 -5.12
CA VAL B 156 23.33 13.79 -4.62
C VAL B 156 22.18 13.04 -5.29
N HIS B 157 22.53 12.02 -6.07
CA HIS B 157 21.55 11.30 -6.91
C HIS B 157 21.21 9.89 -6.50
N ASP B 158 19.91 9.62 -6.36
CA ASP B 158 19.45 8.24 -6.18
C ASP B 158 18.94 7.99 -4.77
N TYR B 159 18.22 6.88 -4.60
CA TYR B 159 17.69 6.53 -3.29
C TYR B 159 18.76 5.92 -2.41
N GLN B 160 19.83 5.37 -3.00
CA GLN B 160 20.85 4.72 -2.14
C GLN B 160 21.64 5.76 -1.32
N LEU B 161 21.54 7.03 -1.72
CA LEU B 161 22.29 8.10 -1.08
C LEU B 161 21.42 8.97 -0.19
N VAL B 162 20.28 8.42 0.25
CA VAL B 162 19.34 9.20 1.08
C VAL B 162 19.93 9.65 2.40
N GLY B 163 20.93 8.92 2.86
CA GLY B 163 21.55 9.26 4.15
C GLY B 163 22.57 10.39 4.07
N VAL B 164 22.99 10.72 2.86
CA VAL B 164 24.14 11.64 2.64
C VAL B 164 23.89 13.11 2.99
N PRO B 165 22.69 13.66 2.67
CA PRO B 165 22.53 15.09 2.92
C PRO B 165 22.78 15.51 4.37
N ALA B 166 22.35 14.72 5.36
CA ALA B 166 22.58 15.09 6.77
C ALA B 166 24.07 15.17 7.11
N LEU B 167 24.86 14.25 6.56
CA LEU B 167 26.30 14.22 6.80
C LEU B 167 27.01 15.41 6.15
N LEU B 168 26.60 15.78 4.95
CA LEU B 168 27.22 16.90 4.24
C LEU B 168 26.86 18.19 4.94
N ARG B 169 25.58 18.29 5.33
CA ARG B 169 25.09 19.49 6.02
C ARG B 169 25.84 19.72 7.32
N GLU B 170 26.22 18.65 8.03
CA GLU B 170 26.87 18.83 9.33
C GLU B 170 28.24 19.52 9.13
N GLN B 171 28.92 19.19 8.04
CA GLN B 171 30.25 19.77 7.75
C GLN B 171 30.20 21.07 6.97
N ARG B 172 29.16 21.20 6.15
CA ARG B 172 28.98 22.36 5.29
C ARG B 172 27.60 22.96 5.53
N PRO B 173 27.41 23.62 6.68
CA PRO B 173 26.08 24.14 7.02
C PRO B 173 25.51 25.08 5.98
N ASP B 174 26.35 25.69 5.15
CA ASP B 174 25.89 26.70 4.17
C ASP B 174 25.89 26.27 2.69
N ALA B 175 26.23 25.01 2.40
CA ALA B 175 26.31 24.55 1.01
C ALA B 175 24.92 24.21 0.43
N PRO B 176 24.68 24.56 -0.85
CA PRO B 176 23.49 24.01 -1.50
C PRO B 176 23.61 22.49 -1.66
N ILE B 177 22.57 21.77 -1.26
CA ILE B 177 22.54 20.30 -1.37
C ILE B 177 21.22 19.91 -2.03
N LEU B 178 21.30 19.33 -3.23
CA LEU B 178 20.13 18.72 -3.86
C LEU B 178 20.21 17.22 -3.63
N LEU B 179 19.12 16.64 -3.15
CA LEU B 179 18.95 15.20 -3.20
C LEU B 179 17.89 14.91 -4.25
N PHE B 180 18.29 14.20 -5.30
CA PHE B 180 17.31 13.83 -6.31
C PHE B 180 17.02 12.34 -6.34
N VAL B 181 15.77 11.96 -6.12
CA VAL B 181 15.41 10.54 -5.98
C VAL B 181 14.78 10.09 -7.30
N HIS B 182 15.32 9.03 -7.94
CA HIS B 182 14.84 8.62 -9.25
C HIS B 182 13.68 7.66 -9.21
N ILE B 183 13.28 7.20 -8.01
CA ILE B 183 12.27 6.17 -7.88
C ILE B 183 11.06 6.79 -7.15
N PRO B 184 9.92 6.06 -7.04
CA PRO B 184 8.77 6.59 -6.33
C PRO B 184 9.04 6.86 -4.85
N TRP B 185 8.13 7.63 -4.25
CA TRP B 185 8.05 7.68 -2.80
C TRP B 185 6.70 7.13 -2.47
N PRO B 186 6.62 6.15 -1.56
CA PRO B 186 5.32 5.52 -1.31
C PRO B 186 4.40 6.27 -0.34
N SER B 187 3.11 5.92 -0.32
CA SER B 187 2.16 6.50 0.65
C SER B 187 2.68 6.33 2.07
N ALA B 188 2.27 7.25 2.94
CA ALA B 188 2.71 7.20 4.32
C ALA B 188 2.49 5.85 5.00
N ASP B 189 1.31 5.23 4.79
CA ASP B 189 0.98 3.93 5.47
C ASP B 189 1.97 2.86 5.02
N TYR B 190 2.38 2.95 3.75
CA TYR B 190 3.30 1.98 3.20
C TYR B 190 4.77 2.24 3.67
N TRP B 191 5.19 3.51 3.66
CA TRP B 191 6.50 3.90 4.20
C TRP B 191 6.68 3.34 5.60
N ARG B 192 5.61 3.44 6.39
CA ARG B 192 5.59 2.96 7.80
C ARG B 192 5.83 1.48 7.98
N ILE B 193 5.77 0.71 6.90
CA ILE B 193 6.09 -0.73 7.00
C ILE B 193 7.50 -0.97 7.53
N LEU B 194 8.42 -0.08 7.14
CA LEU B 194 9.83 -0.24 7.56
C LEU B 194 10.02 -0.16 9.06
N PRO B 195 11.01 -0.89 9.57
CA PRO B 195 11.39 -0.80 10.99
C PRO B 195 11.54 0.67 11.42
N LYS B 196 11.15 0.98 12.66
CA LYS B 196 11.19 2.36 13.14
C LYS B 196 12.52 3.12 12.92
N GLU B 197 13.66 2.47 13.18
CA GLU B 197 14.98 3.15 13.09
C GLU B 197 15.20 3.57 11.64
N ILE B 198 14.72 2.73 10.73
CA ILE B 198 14.93 2.93 9.30
C ILE B 198 13.96 3.94 8.72
N ARG B 199 12.69 3.82 9.06
CA ARG B 199 11.70 4.74 8.48
C ARG B 199 11.92 6.20 8.91
N THR B 200 12.34 6.41 10.16
CA THR B 200 12.67 7.77 10.62
C THR B 200 14.08 8.15 10.25
N GLY B 201 15.01 7.20 10.32
CA GLY B 201 16.42 7.44 10.04
C GLY B 201 16.63 7.92 8.62
N ILE B 202 15.92 7.30 7.68
CA ILE B 202 16.05 7.75 6.29
C ILE B 202 15.54 9.18 6.14
N LEU B 203 14.39 9.48 6.75
CA LEU B 203 13.85 10.83 6.66
C LEU B 203 14.83 11.83 7.27
N HIS B 204 15.45 11.45 8.38
CA HIS B 204 16.44 12.34 9.03
C HIS B 204 17.62 12.63 8.16
N GLY B 205 18.03 11.65 7.37
CA GLY B 205 19.14 11.78 6.46
C GLY B 205 18.82 12.73 5.31
N MSE B 206 17.56 12.76 4.86
CA MSE B 206 17.14 13.48 3.66
C MSE B 206 16.83 14.93 3.93
O MSE B 206 17.18 15.80 3.12
CB MSE B 206 15.93 12.84 2.96
CG MSE B 206 16.20 11.38 2.59
SE MSE B 206 14.53 10.48 2.07
CE MSE B 206 14.13 11.49 0.44
N LEU B 207 16.18 15.23 5.03
CA LEU B 207 15.60 16.57 5.20
C LEU B 207 16.62 17.71 5.27
N PRO B 208 17.88 17.43 5.70
CA PRO B 208 18.86 18.54 5.71
C PRO B 208 19.24 19.02 4.31
N ALA B 209 18.80 18.32 3.26
CA ALA B 209 19.04 18.79 1.91
C ALA B 209 18.35 20.11 1.74
N THR B 210 18.90 20.99 0.88
CA THR B 210 18.22 22.24 0.49
C THR B 210 16.93 21.93 -0.26
N THR B 211 17.04 20.99 -1.19
CA THR B 211 16.00 20.67 -2.17
C THR B 211 15.99 19.16 -2.28
N ILE B 212 14.79 18.57 -2.18
CA ILE B 212 14.64 17.17 -2.51
C ILE B 212 13.81 17.10 -3.79
N GLY B 213 14.34 16.44 -4.80
CA GLY B 213 13.69 16.35 -6.09
C GLY B 213 13.20 14.95 -6.37
N PHE B 214 12.03 14.85 -7.00
CA PHE B 214 11.45 13.60 -7.49
C PHE B 214 11.01 13.86 -8.91
N PHE B 215 10.70 12.79 -9.64
CA PHE B 215 10.25 12.97 -11.03
C PHE B 215 8.78 13.35 -11.19
N ALA B 216 7.99 13.18 -10.13
CA ALA B 216 6.53 13.27 -10.23
C ALA B 216 5.95 13.93 -8.99
N ASP B 217 4.90 14.73 -9.20
CA ASP B 217 4.17 15.34 -8.09
C ASP B 217 3.70 14.28 -7.08
N ARG B 218 3.27 13.11 -7.57
CA ARG B 218 2.71 12.11 -6.66
C ARG B 218 3.76 11.70 -5.64
N TRP B 219 5.00 11.55 -6.12
CA TRP B 219 6.08 11.20 -5.17
C TRP B 219 6.38 12.30 -4.15
N CYS B 220 6.45 13.56 -4.60
CA CYS B 220 6.59 14.68 -3.66
C CYS B 220 5.47 14.67 -2.62
N ARG B 221 4.21 14.46 -3.05
CA ARG B 221 3.04 14.42 -2.13
C ARG B 221 3.21 13.33 -1.09
N ASN B 222 3.56 12.12 -1.57
CA ASN B 222 3.72 10.96 -0.65
C ASN B 222 4.83 11.18 0.32
N PHE B 223 5.88 11.85 -0.14
CA PHE B 223 7.01 12.18 0.74
C PHE B 223 6.57 13.11 1.87
N LEU B 224 5.92 14.20 1.48
CA LEU B 224 5.37 15.11 2.50
C LEU B 224 4.43 14.43 3.52
N GLU B 225 3.52 13.57 3.07
CA GLU B 225 2.65 12.81 3.97
C GLU B 225 3.43 11.91 4.93
N SER B 226 4.49 11.27 4.42
CA SER B 226 5.37 10.37 5.22
C SER B 226 6.01 11.20 6.35
N VAL B 227 6.50 12.38 5.98
CA VAL B 227 7.12 13.27 6.94
C VAL B 227 6.11 13.73 7.99
N ALA B 228 4.94 14.20 7.56
CA ALA B 228 3.88 14.61 8.49
C ALA B 228 3.49 13.48 9.43
N ASP B 229 3.38 12.28 8.89
CA ASP B 229 2.98 11.14 9.68
C ASP B 229 4.01 10.74 10.74
N LEU B 230 5.29 10.73 10.39
CA LEU B 230 6.31 10.12 11.24
C LEU B 230 7.11 11.10 12.10
N LEU B 231 7.16 12.34 11.67
CA LEU B 231 8.01 13.28 12.37
C LEU B 231 7.17 14.32 13.09
N PRO B 232 6.94 14.12 14.40
CA PRO B 232 6.01 15.02 15.09
C PRO B 232 6.45 16.49 15.11
N ASP B 233 7.75 16.76 15.08
CA ASP B 233 8.25 18.14 15.04
C ASP B 233 8.21 18.82 13.67
N ALA B 234 7.92 18.05 12.61
CA ALA B 234 7.92 18.63 11.26
C ALA B 234 6.62 19.37 10.97
N ARG B 235 6.71 20.45 10.23
CA ARG B 235 5.53 21.14 9.75
C ARG B 235 5.57 21.12 8.25
N ILE B 236 4.58 20.49 7.63
CA ILE B 236 4.54 20.48 6.18
C ILE B 236 3.57 21.52 5.65
N ASP B 237 3.82 21.97 4.43
CA ASP B 237 2.91 22.88 3.74
C ASP B 237 2.61 22.23 2.41
N ARG B 238 1.43 21.64 2.27
CA ARG B 238 1.09 20.88 1.04
C ARG B 238 1.08 21.74 -0.21
N GLU B 239 0.63 22.98 -0.08
CA GLU B 239 0.55 23.85 -1.24
C GLU B 239 1.93 24.35 -1.66
N ALA B 240 2.77 24.78 -0.70
CA ALA B 240 4.12 25.28 -0.99
C ALA B 240 5.14 24.16 -1.26
N MSE B 241 4.73 22.93 -0.95
CA MSE B 241 5.59 21.74 -1.03
C MSE B 241 6.86 21.88 -0.22
O MSE B 241 7.96 21.67 -0.71
CB MSE B 241 5.88 21.35 -2.49
CG MSE B 241 4.60 21.28 -3.32
SE MSE B 241 3.41 19.87 -2.63
CE MSE B 241 4.82 18.53 -2.77
N THR B 242 6.73 22.25 1.06
CA THR B 242 7.88 22.48 1.90
C THR B 242 7.75 21.76 3.24
N VAL B 243 8.90 21.46 3.83
CA VAL B 243 8.95 20.96 5.20
C VAL B 243 9.82 21.91 6.00
N GLU B 244 9.35 22.24 7.20
CA GLU B 244 10.17 22.91 8.22
C GLU B 244 10.38 21.92 9.37
N TRP B 245 11.63 21.59 9.66
CA TRP B 245 11.92 20.55 10.64
C TRP B 245 13.23 20.83 11.32
N ARG B 246 13.19 21.08 12.63
CA ARG B 246 14.40 21.28 13.45
C ARG B 246 15.38 22.31 12.86
N GLY B 247 14.86 23.45 12.44
CA GLY B 247 15.71 24.43 11.75
C GLY B 247 15.56 24.29 10.25
N HIS B 248 16.01 23.17 9.69
CA HIS B 248 15.96 22.91 8.23
C HIS B 248 14.65 23.32 7.60
N ARG B 249 14.71 24.17 6.57
CA ARG B 249 13.59 24.31 5.62
C ARG B 249 13.97 23.52 4.37
N THR B 250 13.08 22.63 3.91
CA THR B 250 13.38 21.80 2.75
C THR B 250 12.31 22.02 1.70
N ARG B 251 12.71 22.25 0.47
CA ARG B 251 11.73 22.36 -0.59
C ARG B 251 11.66 21.06 -1.40
N LEU B 252 10.44 20.57 -1.64
CA LEU B 252 10.22 19.44 -2.55
C LEU B 252 9.92 19.94 -3.94
N ARG B 253 10.65 19.43 -4.94
CA ARG B 253 10.41 19.82 -6.33
C ARG B 253 10.16 18.65 -7.24
N THR B 254 9.26 18.85 -8.18
CA THR B 254 9.04 17.89 -9.26
C THR B 254 9.82 18.35 -10.50
N MSE B 255 10.76 17.51 -10.96
CA MSE B 255 11.60 17.88 -12.11
C MSE B 255 11.59 16.73 -13.08
O MSE B 255 12.42 15.81 -13.01
CB MSE B 255 13.03 18.17 -11.64
CG MSE B 255 13.11 19.38 -10.73
SE MSE B 255 15.03 19.64 -10.33
CE MSE B 255 15.09 18.41 -8.80
N PRO B 256 10.64 16.77 -14.02
CA PRO B 256 10.50 15.61 -14.89
C PRO B 256 11.67 15.48 -15.85
N LEU B 257 12.02 14.22 -16.17
CA LEU B 257 13.04 13.92 -17.20
C LEU B 257 12.42 13.00 -18.23
N GLY B 258 12.75 13.17 -19.51
CA GLY B 258 12.21 12.28 -20.54
C GLY B 258 13.24 11.40 -21.23
N TYR B 259 14.25 12.03 -21.82
CA TYR B 259 15.23 11.30 -22.60
C TYR B 259 16.51 12.14 -22.79
N SER B 260 17.58 11.51 -23.25
CA SER B 260 18.77 12.25 -23.64
C SER B 260 18.93 12.16 -25.17
N PRO B 261 18.70 13.27 -25.88
CA PRO B 261 18.72 13.23 -27.36
C PRO B 261 20.03 12.65 -27.91
N LEU B 262 21.14 13.03 -27.30
CA LEU B 262 22.46 12.62 -27.80
C LEU B 262 22.69 11.12 -27.67
N THR B 263 21.99 10.47 -26.72
CA THR B 263 22.07 9.02 -26.55
C THR B 263 21.25 8.27 -27.59
N LEU B 264 20.20 8.90 -28.10
CA LEU B 264 19.39 8.27 -29.16
C LEU B 264 20.02 8.42 -30.55
N ASP B 265 20.74 9.52 -30.77
CA ASP B 265 21.51 9.74 -32.02
C ASP B 265 22.47 8.60 -32.35
N PRO B 269 20.75 1.37 -35.67
CA PRO B 269 20.26 0.19 -34.97
C PRO B 269 19.63 -0.85 -35.89
N GLN B 270 19.65 -2.11 -35.45
CA GLN B 270 19.12 -3.25 -36.17
C GLN B 270 18.44 -4.19 -35.17
N LEU B 271 17.41 -4.88 -35.62
CA LEU B 271 16.66 -5.80 -34.77
C LEU B 271 17.47 -7.01 -34.30
N PRO B 272 17.14 -7.57 -33.12
CA PRO B 272 17.80 -8.80 -32.72
C PRO B 272 17.51 -9.95 -33.69
N GLU B 273 18.35 -10.97 -33.66
CA GLU B 273 18.28 -12.02 -34.68
C GLU B 273 16.95 -12.77 -34.67
N GLY B 274 16.42 -12.96 -35.87
CA GLY B 274 15.15 -13.66 -36.06
C GLY B 274 13.92 -12.77 -36.03
N ILE B 275 14.00 -11.67 -35.27
CA ILE B 275 12.83 -10.81 -35.04
C ILE B 275 12.22 -10.18 -36.30
N GLU B 276 13.05 -9.62 -37.20
CA GLU B 276 12.49 -8.97 -38.39
C GLU B 276 11.69 -9.93 -39.27
N GLU B 277 12.21 -11.13 -39.48
CA GLU B 277 11.53 -12.12 -40.30
C GLU B 277 10.32 -12.72 -39.61
N TRP B 278 10.43 -12.92 -38.30
CA TRP B 278 9.31 -13.37 -37.47
C TRP B 278 8.19 -12.34 -37.41
N ALA B 279 8.54 -11.06 -37.34
CA ALA B 279 7.55 -9.96 -37.34
C ALA B 279 7.06 -9.52 -38.73
N ASP B 280 7.87 -9.82 -39.75
CA ASP B 280 7.61 -9.41 -41.14
C ASP B 280 6.14 -9.19 -41.54
N GLY B 281 5.34 -10.25 -41.53
CA GLY B 281 3.95 -10.14 -42.00
C GLY B 281 2.94 -9.77 -40.93
N HIS B 282 3.41 -9.15 -39.85
CA HIS B 282 2.58 -8.92 -38.66
C HIS B 282 2.65 -7.52 -38.10
N ARG B 283 1.57 -7.10 -37.43
CA ARG B 283 1.66 -5.94 -36.53
C ARG B 283 2.42 -6.40 -35.27
N LEU B 284 3.33 -5.58 -34.75
CA LEU B 284 4.17 -5.99 -33.63
C LEU B 284 3.90 -5.20 -32.35
N VAL B 285 3.45 -5.92 -31.32
CA VAL B 285 3.33 -5.36 -29.94
C VAL B 285 4.66 -5.52 -29.19
N VAL B 286 5.20 -4.42 -28.64
CA VAL B 286 6.44 -4.51 -27.88
C VAL B 286 6.24 -4.06 -26.44
N HIS B 287 6.62 -4.93 -25.51
CA HIS B 287 6.76 -4.52 -24.12
C HIS B 287 8.22 -4.53 -23.84
N SER B 288 8.73 -3.49 -23.20
CA SER B 288 10.18 -3.40 -22.96
C SER B 288 10.51 -2.87 -21.59
N GLY B 289 11.51 -3.46 -20.94
CA GLY B 289 11.92 -2.97 -19.66
C GLY B 289 12.92 -3.90 -18.99
N ARG B 290 13.49 -3.43 -17.90
CA ARG B 290 14.40 -4.20 -17.05
C ARG B 290 13.76 -5.49 -16.52
N THR B 291 14.59 -6.46 -16.10
CA THR B 291 14.05 -7.62 -15.41
C THR B 291 13.79 -7.20 -13.96
N ASP B 292 12.67 -6.52 -13.76
CA ASP B 292 12.31 -5.96 -12.47
C ASP B 292 10.78 -6.14 -12.42
N PRO B 293 10.23 -6.65 -11.30
CA PRO B 293 8.78 -6.92 -11.26
C PRO B 293 7.93 -5.71 -11.54
N ILE B 294 8.44 -4.51 -11.27
CA ILE B 294 7.63 -3.32 -11.52
C ILE B 294 7.30 -3.18 -12.98
N LYS B 295 8.13 -3.74 -13.85
CA LYS B 295 7.89 -3.56 -15.32
C LYS B 295 6.62 -4.27 -15.85
N ASN B 296 6.10 -5.25 -15.11
CA ASN B 296 4.73 -5.80 -15.34
C ASN B 296 4.49 -6.56 -16.64
N ALA B 297 5.54 -7.22 -17.14
CA ALA B 297 5.42 -7.92 -18.41
C ALA B 297 4.47 -9.09 -18.31
N GLU B 298 4.35 -9.71 -17.12
CA GLU B 298 3.46 -10.85 -17.00
C GLU B 298 2.01 -10.44 -17.29
N ARG B 299 1.56 -9.35 -16.67
CA ARG B 299 0.19 -8.86 -16.89
C ARG B 299 0.04 -8.36 -18.31
N ALA B 300 1.11 -7.80 -18.88
CA ALA B 300 1.04 -7.31 -20.28
C ALA B 300 0.74 -8.49 -21.22
N VAL B 301 1.42 -9.62 -20.96
CA VAL B 301 1.21 -10.82 -21.80
C VAL B 301 -0.18 -11.41 -21.63
N ARG B 302 -0.62 -11.52 -20.38
CA ARG B 302 -1.94 -12.02 -20.08
C ARG B 302 -3.00 -11.09 -20.69
N ALA B 303 -2.78 -9.77 -20.65
CA ALA B 303 -3.72 -8.83 -21.30
C ALA B 303 -3.78 -9.02 -22.83
N PHE B 304 -2.61 -9.22 -23.43
CA PHE B 304 -2.53 -9.48 -24.86
C PHE B 304 -3.31 -10.74 -25.21
N VAL B 305 -3.13 -11.80 -24.41
CA VAL B 305 -3.88 -13.04 -24.59
C VAL B 305 -5.39 -12.80 -24.54
N LEU B 306 -5.85 -12.08 -23.52
CA LEU B 306 -7.28 -11.72 -23.45
C LEU B 306 -7.81 -11.02 -24.71
N ALA B 307 -7.01 -10.10 -25.25
CA ALA B 307 -7.34 -9.39 -26.47
C ALA B 307 -7.27 -10.31 -27.69
N ALA B 308 -6.29 -11.22 -27.72
CA ALA B 308 -6.08 -12.14 -28.87
C ALA B 308 -6.96 -13.40 -28.83
N ARG B 309 -7.54 -13.68 -27.66
CA ARG B 309 -8.44 -14.83 -27.45
C ARG B 309 -9.31 -14.98 -28.68
N GLY B 310 -9.24 -16.16 -29.29
CA GLY B 310 -9.60 -16.38 -30.70
C GLY B 310 -10.91 -15.88 -31.27
N GLY B 311 -10.83 -15.24 -32.44
CA GLY B 311 -9.56 -14.81 -33.03
C GLY B 311 -9.55 -13.30 -33.05
N GLY B 312 -9.72 -12.70 -31.86
CA GLY B 312 -9.87 -11.24 -31.67
C GLY B 312 -8.83 -10.40 -32.38
N LEU B 313 -7.63 -10.98 -32.52
CA LEU B 313 -6.54 -10.41 -33.29
C LEU B 313 -6.01 -11.59 -34.12
N GLU B 314 -5.53 -11.34 -35.33
CA GLU B 314 -5.14 -12.44 -36.23
C GLU B 314 -3.69 -12.39 -36.74
N LYS B 315 -3.26 -11.20 -37.19
CA LYS B 315 -1.95 -11.01 -37.78
C LYS B 315 -1.02 -10.27 -36.80
N THR B 316 -1.15 -10.54 -35.50
CA THR B 316 -0.32 -9.83 -34.51
C THR B 316 0.58 -10.74 -33.67
N ARG B 317 1.83 -10.32 -33.50
CA ARG B 317 2.78 -10.97 -32.59
C ARG B 317 3.20 -9.99 -31.49
N MSE B 318 3.72 -10.54 -30.42
CA MSE B 318 4.12 -9.74 -29.27
C MSE B 318 5.53 -10.09 -28.89
O MSE B 318 5.86 -11.26 -28.69
CB MSE B 318 3.22 -10.01 -28.05
CG MSE B 318 3.77 -9.24 -26.86
SE MSE B 318 2.37 -9.15 -25.48
CE MSE B 318 3.36 -8.03 -24.20
N LEU B 319 6.37 -9.07 -28.75
CA LEU B 319 7.73 -9.25 -28.28
C LEU B 319 7.87 -8.66 -26.89
N VAL B 320 8.42 -9.46 -25.98
CA VAL B 320 8.76 -9.03 -24.63
C VAL B 320 10.27 -8.85 -24.57
N ARG B 321 10.70 -7.60 -24.55
CA ARG B 321 12.11 -7.25 -24.51
C ARG B 321 12.49 -7.05 -23.04
N MSE B 322 13.46 -7.82 -22.57
CA MSE B 322 13.88 -7.70 -21.17
C MSE B 322 15.36 -7.46 -21.09
O MSE B 322 16.12 -8.10 -21.80
CB MSE B 322 13.47 -8.93 -20.38
CG MSE B 322 11.96 -9.05 -20.20
SE MSE B 322 11.56 -10.22 -18.63
CE MSE B 322 11.61 -11.75 -19.83
N ASN B 323 15.77 -6.54 -20.24
CA ASN B 323 17.15 -6.16 -20.08
C ASN B 323 17.59 -6.58 -18.67
N PRO B 324 18.46 -7.61 -18.58
CA PRO B 324 18.83 -8.17 -17.26
C PRO B 324 19.57 -7.18 -16.39
N ASN B 325 19.14 -7.12 -15.13
CA ASN B 325 19.51 -6.05 -14.23
C ASN B 325 19.22 -6.55 -12.82
N ARG B 326 20.25 -6.48 -11.97
CA ARG B 326 20.16 -6.84 -10.54
C ARG B 326 19.54 -8.20 -10.31
N LEU B 327 20.04 -9.18 -11.04
CA LEU B 327 19.52 -10.51 -10.86
C LEU B 327 20.01 -11.14 -9.55
N TYR B 328 20.82 -10.39 -8.78
CA TYR B 328 21.16 -10.81 -7.42
C TYR B 328 20.00 -10.63 -6.44
N VAL B 329 18.91 -10.01 -6.90
CA VAL B 329 17.68 -9.98 -6.13
C VAL B 329 16.71 -11.13 -6.52
N PRO B 330 16.30 -11.96 -5.54
CA PRO B 330 15.29 -13.01 -5.74
C PRO B 330 14.01 -12.54 -6.46
N ALA B 331 13.43 -11.41 -6.06
CA ALA B 331 12.20 -10.95 -6.75
C ALA B 331 12.40 -10.79 -8.27
N ASN B 332 13.61 -10.37 -8.68
CA ASN B 332 13.92 -10.08 -10.09
C ASN B 332 14.04 -11.39 -10.89
N ALA B 333 14.78 -12.34 -10.32
CA ALA B 333 14.86 -13.70 -10.88
C ALA B 333 13.47 -14.33 -11.00
N ASP B 334 12.68 -14.24 -9.92
CA ASP B 334 11.37 -14.81 -9.93
C ASP B 334 10.41 -14.16 -10.94
N TYR B 335 10.58 -12.86 -11.18
CA TYR B 335 9.79 -12.13 -12.17
C TYR B 335 10.11 -12.72 -13.54
N VAL B 336 11.40 -12.89 -13.84
CA VAL B 336 11.79 -13.47 -15.15
C VAL B 336 11.07 -14.81 -15.38
N HIS B 337 11.12 -15.67 -14.37
CA HIS B 337 10.43 -16.95 -14.48
C HIS B 337 8.93 -16.83 -14.69
N ARG B 338 8.31 -15.88 -14.00
CA ARG B 338 6.88 -15.64 -14.16
C ARG B 338 6.55 -15.21 -15.60
N VAL B 339 7.41 -14.38 -16.19
CA VAL B 339 7.19 -13.88 -17.55
C VAL B 339 7.35 -15.03 -18.56
N GLU B 340 8.41 -15.81 -18.36
CA GLU B 340 8.69 -16.98 -19.23
C GLU B 340 7.52 -17.95 -19.24
N THR B 341 6.99 -18.22 -18.05
CA THR B 341 5.79 -19.05 -17.87
C THR B 341 4.57 -18.47 -18.58
N ALA B 342 4.37 -17.16 -18.51
CA ALA B 342 3.21 -16.52 -19.15
C ALA B 342 3.28 -16.59 -20.67
N VAL B 343 4.49 -16.37 -21.20
CA VAL B 343 4.72 -16.41 -22.64
C VAL B 343 4.50 -17.82 -23.19
N ALA B 344 5.03 -18.83 -22.49
CA ALA B 344 4.79 -20.24 -22.88
C ALA B 344 3.30 -20.55 -22.86
N GLU B 345 2.61 -20.14 -21.80
CA GLU B 345 1.15 -20.28 -21.74
C GLU B 345 0.44 -19.54 -22.87
N ALA B 346 0.93 -18.34 -23.20
CA ALA B 346 0.35 -17.57 -24.32
C ALA B 346 0.42 -18.36 -25.64
N ASN B 347 1.60 -18.91 -25.91
CA ASN B 347 1.83 -19.66 -27.15
C ASN B 347 1.07 -20.97 -27.21
N ALA B 348 1.04 -21.68 -26.08
CA ALA B 348 0.17 -22.85 -25.95
C ALA B 348 -1.29 -22.51 -26.29
N GLU B 349 -1.71 -21.30 -25.93
CA GLU B 349 -3.06 -20.84 -26.25
C GLU B 349 -3.25 -20.31 -27.66
N LEU B 350 -2.39 -19.37 -28.07
CA LEU B 350 -2.64 -18.61 -29.30
C LEU B 350 -2.03 -19.26 -30.54
N GLY B 351 -1.23 -20.30 -30.32
CA GLY B 351 -0.47 -20.91 -31.39
C GLY B 351 1.00 -20.58 -31.24
N SER B 352 1.83 -21.51 -31.69
CA SER B 352 3.28 -21.40 -31.65
C SER B 352 3.81 -20.07 -32.15
N ASP B 353 4.78 -19.55 -31.39
CA ASP B 353 5.56 -18.40 -31.78
C ASP B 353 4.74 -17.12 -31.95
N THR B 354 3.66 -17.00 -31.19
CA THR B 354 2.87 -15.76 -31.18
C THR B 354 3.61 -14.72 -30.32
N VAL B 355 4.25 -15.18 -29.26
CA VAL B 355 4.91 -14.30 -28.30
C VAL B 355 6.35 -14.78 -28.13
N ARG B 356 7.29 -13.84 -28.17
CA ARG B 356 8.69 -14.16 -27.98
C ARG B 356 9.27 -13.28 -26.88
N ILE B 357 10.22 -13.84 -26.15
CA ILE B 357 11.06 -13.04 -25.26
C ILE B 357 12.41 -12.83 -25.91
N ASP B 358 12.91 -11.60 -25.83
CA ASP B 358 14.30 -11.29 -26.19
C ASP B 358 14.97 -10.60 -25.01
N ASN B 359 15.99 -11.25 -24.45
CA ASN B 359 16.49 -10.84 -23.15
C ASN B 359 18.00 -10.56 -23.25
N ASP B 360 18.36 -9.31 -23.53
CA ASP B 360 19.76 -8.88 -23.51
C ASP B 360 19.88 -7.42 -23.12
N ASN B 361 21.11 -6.98 -22.90
CA ASN B 361 21.35 -5.59 -22.52
C ASN B 361 21.89 -4.68 -23.61
N ASP B 362 21.58 -5.01 -24.87
CA ASP B 362 22.05 -4.22 -26.00
C ASP B 362 21.08 -3.06 -26.25
N VAL B 363 21.53 -1.83 -25.96
CA VAL B 363 20.73 -0.62 -26.15
C VAL B 363 20.34 -0.47 -27.62
N ASN B 364 21.23 -0.87 -28.50
CA ASN B 364 20.98 -0.84 -29.94
C ASN B 364 19.76 -1.72 -30.29
N HIS B 365 19.64 -2.89 -29.66
CA HIS B 365 18.46 -3.77 -29.86
C HIS B 365 17.19 -3.14 -29.37
N THR B 366 17.26 -2.53 -28.18
CA THR B 366 16.11 -1.82 -27.61
C THR B 366 15.58 -0.72 -28.53
N ILE B 367 16.46 0.12 -29.05
CA ILE B 367 16.04 1.20 -29.96
C ILE B 367 15.41 0.62 -31.25
N ALA B 368 15.99 -0.47 -31.75
CA ALA B 368 15.46 -1.12 -32.94
C ALA B 368 14.06 -1.68 -32.71
N CYS B 369 13.84 -2.28 -31.53
CA CYS B 369 12.53 -2.78 -31.16
C CYS B 369 11.54 -1.61 -31.02
N PHE B 370 11.96 -0.52 -30.37
CA PHE B 370 11.14 0.72 -30.35
C PHE B 370 10.70 1.20 -31.75
N ARG B 371 11.66 1.23 -32.68
CA ARG B 371 11.37 1.70 -34.05
C ARG B 371 10.36 0.82 -34.80
N ARG B 372 10.46 -0.49 -34.63
CA ARG B 372 9.61 -1.46 -35.32
C ARG B 372 8.19 -1.61 -34.77
N ALA B 373 8.01 -1.26 -33.49
CA ALA B 373 6.71 -1.49 -32.84
C ALA B 373 5.55 -0.82 -33.55
N ASP B 374 4.45 -1.58 -33.65
CA ASP B 374 3.15 -1.04 -34.01
C ASP B 374 2.36 -0.60 -32.76
N LEU B 375 2.69 -1.20 -31.61
CA LEU B 375 2.08 -0.85 -30.32
C LEU B 375 3.14 -1.00 -29.23
N LEU B 376 3.30 0.04 -28.42
CA LEU B 376 4.28 0.02 -27.38
C LEU B 376 3.53 -0.05 -26.05
N ILE B 377 3.95 -0.97 -25.18
CA ILE B 377 3.31 -1.12 -23.85
C ILE B 377 4.33 -0.86 -22.72
N PHE B 378 4.10 0.19 -21.91
CA PHE B 378 4.90 0.55 -20.73
C PHE B 378 3.95 0.63 -19.55
N ASN B 379 3.49 -0.53 -19.14
CA ASN B 379 2.38 -0.67 -18.16
C ASN B 379 2.88 -0.96 -16.75
N SER B 380 4.00 -0.37 -16.36
CA SER B 380 4.56 -0.63 -15.03
C SER B 380 3.59 -0.62 -13.86
N THR B 381 3.81 -1.51 -12.91
CA THR B 381 3.02 -1.48 -11.64
C THR B 381 3.19 -0.11 -10.97
N VAL B 382 4.41 0.43 -11.06
CA VAL B 382 4.74 1.76 -10.55
C VAL B 382 6.07 2.04 -11.22
N ASP B 383 6.44 3.31 -11.40
CA ASP B 383 7.79 3.61 -11.90
C ASP B 383 8.14 5.03 -11.54
N GLY B 384 9.39 5.26 -11.13
CA GLY B 384 9.77 6.61 -10.72
C GLY B 384 9.45 7.58 -11.86
N GLN B 385 9.91 7.23 -13.05
CA GLN B 385 9.51 8.01 -14.24
C GLN B 385 9.10 7.06 -15.36
N ASN B 386 10.09 6.31 -15.89
CA ASN B 386 9.94 5.53 -17.11
C ASN B 386 10.38 6.38 -18.30
N LEU B 387 11.61 6.14 -18.77
CA LEU B 387 12.18 7.06 -19.77
C LEU B 387 11.85 6.43 -21.09
N SER B 388 11.60 5.13 -21.11
CA SER B 388 11.29 4.46 -22.38
C SER B 388 10.05 5.03 -23.04
N THR B 389 9.12 5.52 -22.23
CA THR B 389 7.90 6.05 -22.79
C THR B 389 8.09 7.41 -23.49
N PHE B 390 9.22 8.07 -23.26
CA PHE B 390 9.58 9.25 -24.07
C PHE B 390 10.41 8.81 -25.27
N GLU B 391 11.43 7.99 -25.03
CA GLU B 391 12.36 7.56 -26.10
C GLU B 391 11.65 6.83 -27.21
N ALA B 392 10.79 5.88 -26.84
CA ALA B 392 10.18 5.00 -27.83
C ALA B 392 9.33 5.77 -28.86
N PRO B 393 8.43 6.68 -28.40
CA PRO B 393 7.68 7.40 -29.46
C PRO B 393 8.55 8.32 -30.31
N LEU B 394 9.64 8.81 -29.72
CA LEU B 394 10.54 9.73 -30.43
C LEU B 394 11.34 9.06 -31.55
N VAL B 395 11.63 7.78 -31.42
CA VAL B 395 12.37 7.06 -32.47
C VAL B 395 11.48 6.21 -33.37
N ASN B 396 10.25 5.96 -32.94
CA ASN B 396 9.36 5.02 -33.63
C ASN B 396 8.97 5.60 -34.97
N GLU B 397 9.12 4.82 -36.02
CA GLU B 397 8.78 5.34 -37.35
C GLU B 397 7.52 4.70 -37.93
N ARG B 398 6.69 4.13 -37.05
CA ARG B 398 5.41 3.58 -37.46
C ARG B 398 4.20 4.28 -36.84
N ASP B 399 4.42 5.42 -36.17
CA ASP B 399 3.35 6.08 -35.43
C ASP B 399 2.66 5.11 -34.45
N ALA B 400 3.45 4.27 -33.78
CA ALA B 400 2.94 3.31 -32.80
C ALA B 400 2.11 3.98 -31.71
N ASP B 401 1.02 3.35 -31.32
CA ASP B 401 0.27 3.83 -30.17
C ASP B 401 1.05 3.42 -28.93
N VAL B 402 0.78 4.04 -27.78
CA VAL B 402 1.51 3.76 -26.53
C VAL B 402 0.47 3.52 -25.43
N ILE B 403 0.60 2.39 -24.76
CA ILE B 403 -0.21 2.14 -23.55
C ILE B 403 0.69 2.45 -22.39
N LEU B 404 0.25 3.36 -21.53
CA LEU B 404 1.11 3.80 -20.45
C LEU B 404 0.40 3.59 -19.13
N SER B 405 1.07 3.01 -18.16
CA SER B 405 0.47 2.90 -16.84
C SER B 405 0.35 4.27 -16.17
N GLU B 406 -0.81 4.47 -15.52
CA GLU B 406 -1.11 5.68 -14.78
C GLU B 406 -0.17 5.87 -13.59
N THR B 407 0.54 4.81 -13.18
CA THR B 407 1.38 4.90 -11.98
C THR B 407 2.83 5.15 -12.32
N CYS B 408 3.13 5.38 -13.60
CA CYS B 408 4.50 5.82 -14.00
C CYS B 408 4.56 7.30 -13.82
N GLY B 409 5.67 7.80 -13.29
CA GLY B 409 5.92 9.21 -13.17
C GLY B 409 5.69 9.88 -14.51
N ALA B 410 6.08 9.17 -15.56
CA ALA B 410 5.95 9.72 -16.93
C ALA B 410 4.50 10.08 -17.28
N ALA B 411 3.52 9.44 -16.63
CA ALA B 411 2.12 9.69 -16.98
C ALA B 411 1.68 11.11 -16.63
N GLU B 412 2.35 11.74 -15.66
CA GLU B 412 2.01 13.14 -15.31
C GLU B 412 2.27 14.11 -16.47
N VAL B 413 3.24 13.79 -17.33
CA VAL B 413 3.56 14.62 -18.52
C VAL B 413 2.92 14.06 -19.80
N LEU B 414 2.91 12.75 -19.93
CA LEU B 414 2.54 12.12 -21.19
C LEU B 414 1.19 11.40 -21.19
N GLY B 415 0.54 11.26 -20.03
CA GLY B 415 -0.63 10.36 -19.95
C GLY B 415 -1.76 10.86 -20.83
N GLU B 416 -1.91 12.17 -20.99
CA GLU B 416 -2.98 12.71 -21.84
C GLU B 416 -2.75 12.39 -23.32
N TYR B 417 -1.54 11.97 -23.66
CA TYR B 417 -1.19 11.67 -25.05
C TYR B 417 -1.02 10.20 -25.34
N CYS B 418 -1.28 9.37 -24.35
CA CYS B 418 -1.14 7.92 -24.46
C CYS B 418 -2.44 7.30 -23.98
N ARG B 419 -2.56 5.98 -24.13
CA ARG B 419 -3.69 5.25 -23.56
C ARG B 419 -3.33 4.92 -22.15
N SER B 420 -3.84 5.72 -21.22
CA SER B 420 -3.46 5.61 -19.81
C SER B 420 -4.29 4.52 -19.14
N VAL B 421 -3.62 3.58 -18.48
CA VAL B 421 -4.32 2.40 -17.96
C VAL B 421 -3.95 2.13 -16.50
N ASN B 422 -4.89 1.49 -15.84
CA ASN B 422 -4.67 0.87 -14.54
C ASN B 422 -3.85 -0.42 -14.80
N PRO B 423 -2.59 -0.52 -14.29
CA PRO B 423 -1.69 -1.65 -14.62
C PRO B 423 -2.11 -2.99 -14.00
N PHE B 424 -3.10 -2.97 -13.10
CA PHE B 424 -3.62 -4.16 -12.45
C PHE B 424 -4.88 -4.72 -13.08
N ASP B 425 -5.43 -3.97 -14.03
CA ASP B 425 -6.71 -4.36 -14.68
C ASP B 425 -6.45 -4.98 -16.04
N LEU B 426 -6.57 -6.29 -16.12
CA LEU B 426 -6.29 -6.99 -17.37
C LEU B 426 -7.33 -6.68 -18.42
N VAL B 427 -8.57 -6.45 -17.99
CA VAL B 427 -9.63 -6.13 -18.97
C VAL B 427 -9.35 -4.79 -19.61
N GLU B 428 -9.04 -3.79 -18.77
CA GLU B 428 -8.76 -2.47 -19.30
C GLU B 428 -7.58 -2.50 -20.27
N GLN B 429 -6.56 -3.27 -19.91
CA GLN B 429 -5.35 -3.34 -20.73
C GLN B 429 -5.60 -4.07 -22.06
N ALA B 430 -6.36 -5.17 -22.01
CA ALA B 430 -6.72 -5.93 -23.20
C ALA B 430 -7.53 -5.04 -24.15
N GLU B 431 -8.44 -4.26 -23.59
CA GLU B 431 -9.29 -3.40 -24.41
C GLU B 431 -8.47 -2.28 -25.03
N ALA B 432 -7.48 -1.76 -24.29
CA ALA B 432 -6.56 -0.76 -24.85
C ALA B 432 -5.74 -1.36 -25.99
N ILE B 433 -5.27 -2.59 -25.80
CA ILE B 433 -4.53 -3.31 -26.84
C ILE B 433 -5.38 -3.44 -28.10
N SER B 434 -6.61 -3.90 -27.92
CA SER B 434 -7.52 -4.07 -29.04
C SER B 434 -7.82 -2.78 -29.79
N ALA B 435 -8.20 -1.75 -29.06
CA ALA B 435 -8.40 -0.43 -29.66
C ALA B 435 -7.14 0.13 -30.38
N ALA B 436 -5.95 -0.07 -29.79
CA ALA B 436 -4.73 0.48 -30.38
C ALA B 436 -4.45 -0.15 -31.75
N LEU B 437 -4.77 -1.43 -31.87
CA LEU B 437 -4.42 -2.20 -33.08
C LEU B 437 -5.45 -2.02 -34.17
N ALA B 438 -6.66 -1.65 -33.76
CA ALA B 438 -7.77 -1.33 -34.65
C ALA B 438 -7.60 0.05 -35.31
N ALA B 439 -6.78 0.92 -34.72
CA ALA B 439 -6.63 2.28 -35.20
C ALA B 439 -5.90 2.34 -36.55
N GLY B 440 -6.42 3.17 -37.44
CA GLY B 440 -5.83 3.36 -38.77
C GLY B 440 -4.60 4.25 -38.73
N PRO B 441 -3.81 4.23 -39.82
CA PRO B 441 -2.55 4.98 -39.85
C PRO B 441 -2.78 6.48 -39.71
N ARG B 442 -3.96 6.98 -40.10
CA ARG B 442 -4.21 8.42 -40.00
C ARG B 442 -4.49 8.89 -38.57
N GLN B 443 -5.31 8.13 -37.85
CA GLN B 443 -5.45 8.35 -36.41
C GLN B 443 -4.11 8.15 -35.69
N ARG B 444 -3.43 7.06 -36.00
CA ARG B 444 -2.13 6.78 -35.37
C ARG B 444 -1.10 7.90 -35.65
N ALA B 445 -1.10 8.41 -36.89
CA ALA B 445 -0.22 9.50 -37.27
C ALA B 445 -0.42 10.74 -36.40
N GLU B 446 -1.68 11.11 -36.20
CA GLU B 446 -2.01 12.33 -35.48
C GLU B 446 -1.73 12.22 -33.98
N ALA B 447 -2.07 11.07 -33.40
CA ALA B 447 -1.80 10.82 -31.98
C ALA B 447 -0.30 10.81 -31.74
N ALA B 448 0.43 10.15 -32.63
CA ALA B 448 1.87 10.04 -32.48
C ALA B 448 2.56 11.39 -32.59
N ALA B 449 2.02 12.26 -33.45
CA ALA B 449 2.60 13.59 -33.62
C ALA B 449 2.41 14.42 -32.35
N ARG B 450 1.21 14.40 -31.76
CA ARG B 450 0.96 15.11 -30.50
C ARG B 450 1.86 14.57 -29.41
N ARG B 451 1.98 13.24 -29.39
CA ARG B 451 2.77 12.53 -28.37
C ARG B 451 4.25 12.87 -28.45
N ARG B 452 4.80 12.89 -29.66
CA ARG B 452 6.19 13.34 -29.86
C ARG B 452 6.39 14.79 -29.41
N ASP B 453 5.47 15.66 -29.80
CA ASP B 453 5.53 17.07 -29.38
C ASP B 453 5.53 17.22 -27.87
N ALA B 454 4.78 16.38 -27.17
CA ALA B 454 4.74 16.47 -25.71
C ALA B 454 6.02 15.93 -25.08
N ALA B 455 6.63 14.95 -25.74
CA ALA B 455 7.82 14.32 -25.18
C ALA B 455 9.05 15.16 -25.41
N ARG B 456 9.12 15.80 -26.57
CA ARG B 456 10.35 16.40 -27.06
C ARG B 456 11.07 17.38 -26.14
N PRO B 457 10.34 18.28 -25.41
CA PRO B 457 10.98 19.25 -24.51
C PRO B 457 11.72 18.66 -23.31
N TRP B 458 11.41 17.41 -22.91
CA TRP B 458 11.91 16.89 -21.65
C TRP B 458 13.26 16.24 -21.80
N THR B 459 14.24 17.03 -22.25
CA THR B 459 15.59 16.51 -22.45
C THR B 459 16.41 16.47 -21.16
N LEU B 460 17.47 15.66 -21.22
CA LEU B 460 18.41 15.52 -20.13
C LEU B 460 19.03 16.89 -19.84
N GLU B 461 19.44 17.61 -20.89
CA GLU B 461 19.99 18.95 -20.72
C GLU B 461 19.04 19.91 -19.97
N ALA B 462 17.76 19.90 -20.30
CA ALA B 462 16.77 20.75 -19.63
C ALA B 462 16.59 20.37 -18.15
N TRP B 463 16.65 19.08 -17.87
CA TRP B 463 16.48 18.56 -16.51
C TRP B 463 17.65 18.92 -15.64
N VAL B 464 18.86 18.84 -16.21
CA VAL B 464 20.05 19.28 -15.49
C VAL B 464 19.90 20.77 -15.16
N GLN B 465 19.45 21.56 -16.13
CA GLN B 465 19.25 22.99 -15.87
C GLN B 465 18.23 23.20 -14.75
N ALA B 466 17.16 22.40 -14.79
CA ALA B 466 16.11 22.46 -13.78
C ALA B 466 16.64 22.16 -12.38
N GLN B 467 17.59 21.24 -12.27
CA GLN B 467 18.20 20.96 -10.97
C GLN B 467 18.92 22.17 -10.39
N LEU B 468 19.77 22.79 -11.21
CA LEU B 468 20.58 23.89 -10.74
C LEU B 468 19.71 25.10 -10.44
N ASP B 469 18.73 25.35 -11.30
CA ASP B 469 17.83 26.50 -11.12
C ASP B 469 16.99 26.37 -9.86
N GLY B 470 16.51 25.14 -9.61
CA GLY B 470 15.65 24.87 -8.47
C GLY B 470 16.45 25.03 -7.19
N LEU B 471 17.64 24.45 -7.20
CA LEU B 471 18.50 24.47 -6.04
C LEU B 471 18.99 25.88 -5.74
N ALA B 472 19.38 26.63 -6.78
CA ALA B 472 19.82 28.01 -6.61
C ALA B 472 18.74 28.83 -5.91
N ALA B 473 17.51 28.77 -6.43
CA ALA B 473 16.35 29.45 -5.84
C ALA B 473 16.12 29.07 -4.38
N ASP B 474 16.01 27.76 -4.14
CA ASP B 474 15.75 27.27 -2.79
C ASP B 474 16.87 27.61 -1.81
N HIS B 475 18.10 27.60 -2.31
CA HIS B 475 19.26 27.77 -1.46
C HIS B 475 19.25 29.06 -0.70
N ALA B 476 18.99 30.17 -1.39
CA ALA B 476 18.84 31.46 -0.73
C ALA B 476 17.90 31.37 0.52
N ALA B 477 16.73 30.75 0.35
CA ALA B 477 15.75 30.60 1.44
C ALA B 477 16.18 29.60 2.52
N ARG B 478 16.75 28.47 2.09
CA ARG B 478 17.29 27.45 2.98
C ARG B 478 18.28 28.03 3.98
N THR B 479 19.30 28.73 3.48
CA THR B 479 20.34 29.34 4.32
C THR B 479 19.79 30.42 5.26
N ALA B 480 18.85 31.23 4.76
CA ALA B 480 18.21 32.28 5.55
C ALA B 480 17.49 31.73 6.77
C1 GLC C . -14.70 -4.93 11.66
C2 GLC C . -13.23 -4.52 11.64
C3 GLC C . -12.64 -4.49 13.05
C4 GLC C . -13.54 -3.71 14.00
C5 GLC C . -14.99 -4.16 13.88
C6 GLC C . -15.90 -3.32 14.77
O2 GLC C . -12.49 -5.45 10.83
O3 GLC C . -11.35 -3.90 13.02
O4 GLC C . -13.09 -3.89 15.34
O5 GLC C . -15.42 -4.05 12.53
O6 GLC C . -17.27 -3.57 14.43
C1 GLC C . -16.16 -6.73 12.06
C2 GLC C . -16.25 -8.12 12.69
C3 GLC C . -15.42 -9.13 11.91
C4 GLC C . -15.72 -9.05 10.42
C5 GLC C . -15.66 -7.61 9.92
C6 GLC C . -16.04 -7.52 8.45
O1 GLC C . -14.82 -6.26 12.14
O2 GLC C . -15.78 -8.06 14.04
O3 GLC C . -15.70 -10.45 12.39
O4 GLC C . -14.77 -9.84 9.69
O5 GLC C . -16.55 -6.81 10.69
O6 GLC C . -17.36 -8.04 8.27
C1 GLC D . 15.22 4.62 -12.03
C2 GLC D . 13.72 4.43 -11.91
C3 GLC D . 13.03 4.67 -13.25
C4 GLC D . 13.49 5.99 -13.87
C5 GLC D . 15.02 6.09 -13.86
C6 GLC D . 15.47 7.44 -14.41
O2 GLC D . 13.44 3.09 -11.47
O3 GLC D . 11.61 4.71 -13.06
O4 GLC D . 13.01 6.08 -15.21
O5 GLC D . 15.49 5.92 -12.53
O6 GLC D . 16.89 7.56 -14.23
C1 GLC D . 17.18 3.63 -12.89
C2 GLC D . 17.71 2.62 -13.91
C3 GLC D . 17.29 1.21 -13.53
C4 GLC D . 17.61 0.91 -12.07
C5 GLC D . 17.09 2.02 -11.16
C6 GLC D . 17.48 1.77 -9.72
O1 GLC D . 15.76 3.65 -12.91
O2 GLC D . 17.19 2.95 -15.20
O3 GLC D . 17.98 0.27 -14.37
O4 GLC D . 17.01 -0.33 -11.70
O5 GLC D . 17.64 3.28 -11.58
O6 GLC D . 18.88 1.45 -9.64
MG MG E . -19.50 -9.93 4.06
MG MG F . -23.45 -2.51 25.90
MG MG G . -22.60 18.87 6.68
MG MG H . -15.54 13.93 -10.50
MG MG I . -24.57 -14.44 34.40
MG MG J . -13.54 -0.06 -15.18
MG MG K . -1.75 -11.81 -14.20
MG MG L . -28.94 -15.59 8.55
MG MG M . -15.99 -0.99 -0.63
MG MG N . -13.65 -3.04 -1.59
N1 IMD O . 23.29 26.06 -7.93
C2 IMD O . 24.42 26.67 -8.36
N3 IMD O . 24.91 27.43 -7.35
C4 IMD O . 24.10 27.30 -6.29
C5 IMD O . 23.07 26.44 -6.65
N1 IMD P . 36.84 15.69 -20.31
C2 IMD P . 37.83 15.76 -19.39
N3 IMD P . 37.75 16.94 -18.75
C4 IMD P . 36.69 17.62 -19.27
C5 IMD P . 36.13 16.84 -20.25
MG MG Q . 21.68 -0.54 -5.66
MG MG R . 13.20 20.07 6.76
MG MG S . 4.86 7.28 7.19
MG MG T . 13.48 -0.34 -18.11
MG MG U . -5.50 6.01 -16.16
MG MG V . 15.31 -2.85 -9.79
MG MG W . 13.08 -5.17 -8.17
MG MG X . 14.08 -5.96 -6.36
#